data_9MY5
#
_entry.id   9MY5
#
_cell.length_a   65.759
_cell.length_b   143.682
_cell.length_c   148.724
_cell.angle_alpha   90.000
_cell.angle_beta   90.000
_cell.angle_gamma   90.000
#
_symmetry.space_group_name_H-M   'P 21 21 21'
#
loop_
_entity.id
_entity.type
_entity.pdbx_description
1 polymer '(2,3-dihydroxybenzoyl)adenylate synthase'
2 non-polymer '2-hydroxy-4-methylbenzoic acid'
3 non-polymer 1,2-ETHANEDIOL
4 non-polymer 'CALCIUM ION'
5 water water
#
_entity_poly.entity_id   1
_entity_poly.type   'polypeptide(L)'
_entity_poly.pdbx_seq_one_letter_code
;MGSSHHHHHSSGENLYFQGHMKKQLIEFVRWSPERAQHYRNKGYWIDQPLTRILTVGVQSHPHSLAIICGERQLSYIELD
RLSTNLATRLAEKGLGKGDTALVQLPNVAEFYIVFFALLKAGVVVLNALYSHRQYELNAFIKQIQPKLLIGSRQHEVFSN
NQFIDSLHDVNLSPEIILMLNHQATDFGLLDWIETPAETFVDFSSTPADEVAFFQLSGGSTGTPKLIPRTHNDYDYSVRA
SAEICGLNSNTRLLCALPAPHNFMLSSPGALGVLHAGGCVVMAPNPEPLNCFSIIQRHQVNMASLVPSAVIMWLEKAAQY
KDQIQSLKLLQVGGASFPESLARQVPEVLNCKLQQAFGMAEGLVNYTRLDDSDEQIFTTQGRPISSDDEIKIVDEQYREV
PEGEIGMLATRGPYTFCGYYQSPEHNSQVFDEDNYYYSGDLVQRTPDGNLRVVGRIKDQINRGGEKIASEEIEKLILLHP
EVMHAALVAIVDEQFGEKSCAFIVSRNPELKAVVLRRHLMELGIAQYKLPDQIKLIESLPLTAVGKVDKKQLRSILNTST
TS
;
_entity_poly.pdbx_strand_id   B,A
#
# COMPACT_ATOMS: atom_id res chain seq x y z
N LYS A 23 29.72 -21.56 10.91
CA LYS A 23 29.55 -22.94 11.37
C LYS A 23 28.14 -23.15 11.96
N GLN A 24 27.60 -22.13 12.62
CA GLN A 24 26.29 -22.24 13.26
C GLN A 24 25.16 -21.95 12.26
N LEU A 25 24.16 -22.82 12.23
CA LEU A 25 22.98 -22.58 11.43
C LEU A 25 22.26 -21.33 11.93
N ILE A 26 21.56 -20.64 11.01
CA ILE A 26 20.71 -19.53 11.42
C ILE A 26 19.83 -19.94 12.58
N GLU A 27 19.74 -19.07 13.59
CA GLU A 27 18.91 -19.30 14.76
C GLU A 27 17.45 -19.01 14.48
N PHE A 28 16.57 -19.66 15.25
CA PHE A 28 15.13 -19.48 15.13
C PHE A 28 14.49 -20.10 16.36
N VAL A 29 13.21 -19.81 16.57
CA VAL A 29 12.47 -20.33 17.71
C VAL A 29 11.83 -21.65 17.29
N ARG A 30 12.17 -22.71 18.02
CA ARG A 30 11.73 -24.07 17.71
C ARG A 30 10.36 -24.36 18.28
N TRP A 31 9.64 -25.26 17.60
CA TRP A 31 8.50 -25.92 18.23
C TRP A 31 8.96 -26.78 19.40
N SER A 32 8.06 -26.96 20.36
CA SER A 32 8.33 -27.92 21.43
C SER A 32 8.56 -29.31 20.85
N PRO A 33 9.37 -30.13 21.52
CA PRO A 33 9.58 -31.52 21.05
C PRO A 33 8.29 -32.35 21.02
N GLU A 34 7.36 -32.13 21.97
CA GLU A 34 6.09 -32.86 21.91
C GLU A 34 5.31 -32.48 20.65
N ARG A 35 5.36 -31.22 20.24
CA ARG A 35 4.62 -30.84 19.04
C ARG A 35 5.32 -31.36 17.78
N ALA A 36 6.64 -31.24 17.72
CA ALA A 36 7.42 -31.78 16.61
C ALA A 36 7.16 -33.28 16.42
N GLN A 37 7.21 -34.05 17.50
CA GLN A 37 6.93 -35.47 17.37
C GLN A 37 5.53 -35.70 16.81
N HIS A 38 4.54 -34.97 17.32
CA HIS A 38 3.17 -35.13 16.85
C HIS A 38 3.07 -34.83 15.36
N TYR A 39 3.67 -33.72 14.93
CA TYR A 39 3.58 -33.36 13.52
C TYR A 39 4.28 -34.38 12.64
N ARG A 40 5.28 -35.08 13.17
CA ARG A 40 5.87 -36.18 12.42
C ARG A 40 4.96 -37.39 12.43
N ASN A 41 4.36 -37.70 13.58
CA ASN A 41 3.49 -38.86 13.68
C ASN A 41 2.29 -38.75 12.75
N LYS A 42 1.81 -37.52 12.50
CA LYS A 42 0.65 -37.32 11.64
C LYS A 42 1.03 -37.29 10.16
N GLY A 43 2.30 -37.25 9.83
CA GLY A 43 2.70 -37.19 8.44
C GLY A 43 2.94 -35.80 7.91
N TYR A 44 2.66 -34.76 8.71
CA TYR A 44 2.87 -33.39 8.27
C TYR A 44 4.34 -33.14 7.96
N TRP A 45 5.21 -33.37 8.95
CA TRP A 45 6.65 -33.23 8.76
C TRP A 45 7.22 -34.57 8.30
N ILE A 46 7.75 -34.61 7.07
CA ILE A 46 8.38 -35.81 6.54
C ILE A 46 9.90 -35.68 6.48
N ASP A 47 10.46 -34.60 7.03
CA ASP A 47 11.91 -34.42 7.16
C ASP A 47 12.65 -34.56 5.84
N GLN A 48 12.10 -33.92 4.80
CA GLN A 48 12.76 -33.76 3.51
C GLN A 48 12.97 -32.28 3.21
N PRO A 49 14.02 -31.92 2.47
CA PRO A 49 14.22 -30.52 2.12
C PRO A 49 13.27 -30.10 1.03
N LEU A 50 13.05 -28.79 0.93
CA LEU A 50 12.13 -28.27 -0.09
C LEU A 50 12.50 -28.72 -1.50
N THR A 51 13.78 -28.95 -1.75
CA THR A 51 14.16 -29.47 -3.06
C THR A 51 13.45 -30.79 -3.39
N ARG A 52 12.91 -31.49 -2.38
CA ARG A 52 12.11 -32.69 -2.62
C ARG A 52 11.16 -32.51 -3.81
N ILE A 53 10.49 -31.34 -3.88
CA ILE A 53 9.54 -31.07 -4.96
C ILE A 53 10.18 -31.26 -6.33
N LEU A 54 11.42 -30.78 -6.48
CA LEU A 54 12.15 -30.81 -7.73
C LEU A 54 12.74 -32.20 -8.00
N THR A 55 13.37 -32.80 -6.97
CA THR A 55 13.94 -34.14 -7.12
C THR A 55 12.87 -35.16 -7.54
N VAL A 56 11.69 -35.09 -6.93
CA VAL A 56 10.62 -36.02 -7.25
C VAL A 56 10.07 -35.76 -8.65
N GLY A 57 9.90 -34.49 -9.01
CA GLY A 57 9.43 -34.19 -10.35
C GLY A 57 10.40 -34.71 -11.39
N VAL A 58 11.70 -34.54 -11.13
CA VAL A 58 12.70 -34.97 -12.10
C VAL A 58 12.64 -36.48 -12.30
N GLN A 59 12.46 -37.26 -11.21
CA GLN A 59 12.42 -38.71 -11.34
C GLN A 59 11.15 -39.19 -12.04
N SER A 60 10.00 -38.55 -11.80
CA SER A 60 8.72 -39.02 -12.36
C SER A 60 8.48 -38.53 -13.77
N HIS A 61 8.78 -37.26 -14.05
CA HIS A 61 8.41 -36.62 -15.31
C HIS A 61 9.44 -35.55 -15.66
N PRO A 62 10.66 -35.96 -15.98
CA PRO A 62 11.73 -34.96 -16.17
C PRO A 62 11.44 -33.95 -17.26
N HIS A 63 10.68 -34.34 -18.30
CA HIS A 63 10.50 -33.48 -19.45
C HIS A 63 9.16 -32.75 -19.46
N SER A 64 8.34 -32.92 -18.45
CA SER A 64 7.16 -32.06 -18.33
C SER A 64 7.61 -30.62 -18.14
N LEU A 65 6.84 -29.70 -18.67
CA LEU A 65 7.11 -28.28 -18.42
C LEU A 65 6.92 -27.96 -16.95
N ALA A 66 7.91 -27.28 -16.38
CA ALA A 66 7.83 -26.76 -15.02
C ALA A 66 7.56 -25.27 -15.00
N ILE A 67 8.22 -24.49 -15.85
CA ILE A 67 8.02 -23.05 -15.90
C ILE A 67 7.89 -22.59 -17.35
N ILE A 68 6.83 -21.83 -17.64
CA ILE A 68 6.68 -21.09 -18.87
C ILE A 68 6.91 -19.61 -18.54
N CYS A 69 7.80 -18.96 -19.28
CA CYS A 69 8.17 -17.58 -18.99
C CYS A 69 8.44 -16.89 -20.32
N GLY A 70 7.50 -16.06 -20.75
CA GLY A 70 7.57 -15.44 -22.06
C GLY A 70 7.62 -16.50 -23.15
N GLU A 71 8.75 -16.56 -23.86
CA GLU A 71 8.98 -17.59 -24.86
C GLU A 71 9.65 -18.84 -24.31
N ARG A 72 10.20 -18.78 -23.10
CA ARG A 72 10.97 -19.90 -22.59
C ARG A 72 10.06 -20.99 -22.04
N GLN A 73 10.56 -22.22 -22.12
CA GLN A 73 9.95 -23.40 -21.53
C GLN A 73 11.03 -24.16 -20.79
N LEU A 74 10.89 -24.27 -19.48
CA LEU A 74 11.82 -25.00 -18.61
C LEU A 74 11.17 -26.31 -18.18
N SER A 75 11.72 -27.44 -18.63
CA SER A 75 11.31 -28.73 -18.08
C SER A 75 11.72 -28.86 -16.61
N TYR A 76 11.13 -29.87 -15.94
CA TYR A 76 11.59 -30.22 -14.59
C TYR A 76 13.09 -30.47 -14.55
N ILE A 77 13.63 -31.21 -15.52
CA ILE A 77 15.05 -31.52 -15.42
C ILE A 77 15.91 -30.32 -15.79
N GLU A 78 15.47 -29.48 -16.72
CA GLU A 78 16.19 -28.23 -16.97
C GLU A 78 16.27 -27.38 -15.70
N LEU A 79 15.13 -27.15 -15.05
CA LEU A 79 15.14 -26.45 -13.78
C LEU A 79 16.10 -27.14 -12.79
N ASP A 80 16.13 -28.46 -12.79
CA ASP A 80 17.01 -29.15 -11.84
C ASP A 80 18.48 -28.90 -12.19
N ARG A 81 18.86 -29.07 -13.46
CA ARG A 81 20.24 -28.85 -13.86
C ARG A 81 20.66 -27.40 -13.62
N LEU A 82 19.87 -26.44 -14.09
CA LEU A 82 20.25 -25.04 -13.94
C LEU A 82 20.46 -24.66 -12.48
N SER A 83 19.54 -25.07 -11.58
CA SER A 83 19.75 -24.68 -10.19
C SER A 83 20.92 -25.44 -9.56
N THR A 84 21.16 -26.69 -9.98
CA THR A 84 22.39 -27.35 -9.53
C THR A 84 23.64 -26.59 -9.98
N ASN A 85 23.67 -26.14 -11.25
CA ASN A 85 24.79 -25.37 -11.75
C ASN A 85 25.13 -24.21 -10.83
N LEU A 86 24.14 -23.35 -10.56
CA LEU A 86 24.38 -22.19 -9.72
C LEU A 86 24.84 -22.63 -8.34
N ALA A 87 24.22 -23.68 -7.79
CA ALA A 87 24.63 -24.20 -6.48
C ALA A 87 26.12 -24.57 -6.48
N THR A 88 26.59 -25.30 -7.50
CA THR A 88 28.00 -25.67 -7.50
C THR A 88 28.88 -24.43 -7.56
N ARG A 89 28.45 -23.37 -8.25
CA ARG A 89 29.28 -22.19 -8.32
C ARG A 89 29.32 -21.46 -6.99
N LEU A 90 28.20 -21.44 -6.26
CA LEU A 90 28.19 -20.80 -4.96
C LEU A 90 29.02 -21.61 -3.96
N ALA A 91 28.87 -22.94 -3.98
CA ALA A 91 29.69 -23.79 -3.12
C ALA A 91 31.17 -23.58 -3.39
N GLU A 92 31.56 -23.61 -4.66
CA GLU A 92 32.94 -23.34 -5.06
C GLU A 92 33.47 -22.09 -4.36
N LYS A 93 32.61 -21.08 -4.19
CA LYS A 93 32.99 -19.81 -3.58
C LYS A 93 32.95 -19.79 -2.04
N GLY A 94 32.61 -20.92 -1.38
CA GLY A 94 32.57 -20.95 0.07
C GLY A 94 31.25 -20.57 0.71
N LEU A 95 30.18 -20.45 -0.07
CA LEU A 95 28.84 -20.12 0.44
C LEU A 95 28.08 -21.42 0.70
N GLY A 96 27.55 -21.54 1.91
CA GLY A 96 26.85 -22.76 2.26
C GLY A 96 26.20 -22.64 3.63
N LYS A 97 26.13 -23.75 4.36
CA LYS A 97 25.45 -23.78 5.64
C LYS A 97 26.01 -22.71 6.57
N GLY A 98 25.10 -21.96 7.19
CA GLY A 98 25.43 -20.83 8.02
C GLY A 98 25.35 -19.49 7.32
N ASP A 99 25.31 -19.47 5.99
CA ASP A 99 25.35 -18.24 5.22
C ASP A 99 23.96 -17.84 4.75
N THR A 100 23.80 -16.54 4.47
CA THR A 100 22.54 -15.98 4.04
C THR A 100 22.73 -15.23 2.73
N ALA A 101 21.61 -15.05 2.01
CA ALA A 101 21.59 -14.37 0.73
C ALA A 101 20.35 -13.48 0.64
N LEU A 102 20.53 -12.32 0.01
CA LEU A 102 19.43 -11.41 -0.36
C LEU A 102 19.21 -11.49 -1.86
N VAL A 103 17.97 -11.80 -2.25
CA VAL A 103 17.61 -11.93 -3.66
C VAL A 103 16.46 -10.97 -3.94
N GLN A 104 16.60 -10.15 -4.99
CA GLN A 104 15.53 -9.27 -5.45
C GLN A 104 15.42 -9.45 -6.96
N LEU A 105 14.49 -10.29 -7.39
CA LEU A 105 14.31 -10.59 -8.80
C LEU A 105 12.87 -10.36 -9.21
N PRO A 106 12.64 -9.95 -10.46
CA PRO A 106 11.26 -9.82 -10.95
C PRO A 106 10.64 -11.19 -11.21
N ASN A 107 9.41 -11.20 -11.71
CA ASN A 107 8.66 -12.43 -12.01
C ASN A 107 9.20 -13.07 -13.29
N VAL A 108 10.31 -13.82 -13.15
CA VAL A 108 10.92 -14.52 -14.26
C VAL A 108 11.48 -15.84 -13.76
N ALA A 109 11.73 -16.75 -14.70
CA ALA A 109 12.14 -18.10 -14.31
C ALA A 109 13.40 -18.07 -13.45
N GLU A 110 14.29 -17.10 -13.66
CA GLU A 110 15.50 -17.04 -12.85
C GLU A 110 15.17 -17.03 -11.37
N PHE A 111 14.03 -16.44 -11.00
CA PHE A 111 13.69 -16.39 -9.59
C PHE A 111 13.66 -17.78 -8.99
N TYR A 112 13.05 -18.73 -9.70
CA TYR A 112 12.91 -20.07 -9.15
C TYR A 112 14.22 -20.84 -9.28
N ILE A 113 14.99 -20.59 -10.33
CA ILE A 113 16.29 -21.23 -10.43
C ILE A 113 17.16 -20.80 -9.25
N VAL A 114 17.15 -19.51 -8.94
CA VAL A 114 17.92 -19.01 -7.80
C VAL A 114 17.39 -19.63 -6.51
N PHE A 115 16.05 -19.66 -6.35
CA PHE A 115 15.48 -20.19 -5.13
C PHE A 115 15.91 -21.63 -4.92
N PHE A 116 15.72 -22.48 -5.91
CA PHE A 116 16.11 -23.87 -5.75
C PHE A 116 17.64 -24.03 -5.64
N ALA A 117 18.40 -23.08 -6.20
CA ALA A 117 19.85 -23.17 -6.05
C ALA A 117 20.26 -22.92 -4.60
N LEU A 118 19.63 -21.93 -3.94
CA LEU A 118 20.03 -21.64 -2.57
C LEU A 118 19.54 -22.72 -1.62
N LEU A 119 18.35 -23.26 -1.85
CA LEU A 119 17.92 -24.41 -1.07
C LEU A 119 18.91 -25.57 -1.21
N LYS A 120 19.36 -25.83 -2.44
CA LYS A 120 20.31 -26.92 -2.67
C LYS A 120 21.64 -26.64 -1.98
N ALA A 121 22.07 -25.38 -1.96
CA ALA A 121 23.38 -25.07 -1.39
C ALA A 121 23.36 -24.94 0.12
N GLY A 122 22.19 -24.89 0.74
CA GLY A 122 22.14 -24.65 2.17
C GLY A 122 22.32 -23.21 2.57
N VAL A 123 22.05 -22.27 1.65
CA VAL A 123 22.07 -20.85 1.96
C VAL A 123 20.65 -20.40 2.28
N VAL A 124 20.47 -19.80 3.45
CA VAL A 124 19.18 -19.27 3.86
C VAL A 124 18.92 -17.98 3.10
N VAL A 125 17.86 -17.94 2.30
CA VAL A 125 17.59 -16.81 1.41
C VAL A 125 16.42 -15.99 1.92
N LEU A 126 16.55 -14.67 1.81
CA LEU A 126 15.45 -13.73 1.92
C LEU A 126 15.18 -13.20 0.52
N ASN A 127 13.94 -13.40 0.02
CA ASN A 127 13.51 -12.85 -1.27
C ASN A 127 12.80 -11.53 -0.98
N ALA A 128 13.48 -10.42 -1.28
CA ALA A 128 12.85 -9.13 -1.20
C ALA A 128 11.79 -9.01 -2.31
N LEU A 129 10.83 -8.12 -2.10
CA LEU A 129 9.90 -7.83 -3.17
C LEU A 129 10.60 -6.98 -4.23
N TYR A 130 10.25 -7.22 -5.49
CA TYR A 130 10.82 -6.38 -6.54
C TYR A 130 10.46 -4.90 -6.34
N SER A 131 9.35 -4.61 -5.67
CA SER A 131 8.99 -3.21 -5.36
C SER A 131 9.75 -2.61 -4.18
N HIS A 132 10.49 -3.42 -3.41
CA HIS A 132 11.25 -2.87 -2.29
C HIS A 132 12.38 -2.01 -2.82
N ARG A 133 12.74 -1.00 -2.03
CA ARG A 133 13.75 -0.03 -2.44
C ARG A 133 14.91 -0.03 -1.44
N GLN A 134 15.76 0.99 -1.53
CA GLN A 134 16.99 0.98 -0.73
C GLN A 134 16.71 0.86 0.75
N TYR A 135 15.67 1.55 1.22
CA TYR A 135 15.41 1.56 2.64
C TYR A 135 15.16 0.15 3.16
N GLU A 136 14.32 -0.61 2.46
CA GLU A 136 14.03 -1.99 2.87
C GLU A 136 15.25 -2.88 2.68
N LEU A 137 15.90 -2.79 1.51
CA LEU A 137 17.05 -3.67 1.27
C LEU A 137 18.14 -3.42 2.30
N ASN A 138 18.40 -2.15 2.61
CA ASN A 138 19.35 -1.85 3.69
C ASN A 138 18.94 -2.51 4.98
N ALA A 139 17.66 -2.40 5.34
CA ALA A 139 17.18 -3.04 6.57
C ALA A 139 17.41 -4.54 6.53
N PHE A 140 17.09 -5.19 5.41
CA PHE A 140 17.29 -6.62 5.29
C PHE A 140 18.77 -6.98 5.39
N ILE A 141 19.63 -6.22 4.70
CA ILE A 141 21.05 -6.54 4.69
C ILE A 141 21.62 -6.42 6.09
N LYS A 142 21.21 -5.38 6.81
CA LYS A 142 21.72 -5.18 8.15
C LYS A 142 21.31 -6.32 9.06
N GLN A 143 20.16 -6.95 8.77
CA GLN A 143 19.62 -7.95 9.68
C GLN A 143 20.23 -9.33 9.45
N ILE A 144 20.43 -9.74 8.20
CA ILE A 144 20.91 -11.08 7.90
C ILE A 144 22.36 -11.09 7.42
N GLN A 145 23.00 -9.93 7.32
CA GLN A 145 24.37 -9.78 6.85
C GLN A 145 24.70 -10.79 5.74
N PRO A 146 24.02 -10.71 4.60
CA PRO A 146 24.21 -11.72 3.57
C PRO A 146 25.59 -11.61 2.95
N LYS A 147 26.17 -12.77 2.62
CA LYS A 147 27.38 -12.86 1.82
C LYS A 147 27.08 -12.93 0.33
N LEU A 148 25.81 -13.07 -0.05
CA LEU A 148 25.40 -13.17 -1.44
C LEU A 148 24.25 -12.21 -1.71
N LEU A 149 24.39 -11.39 -2.74
CA LEU A 149 23.34 -10.49 -3.18
C LEU A 149 23.09 -10.75 -4.66
N ILE A 150 21.81 -10.92 -5.00
CA ILE A 150 21.40 -11.15 -6.38
C ILE A 150 20.28 -10.17 -6.68
N GLY A 151 20.49 -9.30 -7.65
CA GLY A 151 19.46 -8.36 -8.05
C GLY A 151 19.46 -8.15 -9.55
N SER A 152 18.77 -7.12 -10.02
CA SER A 152 18.74 -6.82 -11.45
C SER A 152 19.24 -5.41 -11.70
N ARG A 153 20.07 -5.25 -12.73
CA ARG A 153 20.54 -3.92 -13.09
C ARG A 153 19.38 -3.05 -13.58
N GLN A 154 18.30 -3.66 -14.06
CA GLN A 154 17.10 -2.95 -14.49
C GLN A 154 16.27 -2.43 -13.33
N HIS A 155 16.56 -2.86 -12.10
CA HIS A 155 15.91 -2.32 -10.93
C HIS A 155 16.47 -0.95 -10.60
N GLU A 156 15.61 -0.07 -10.11
CA GLU A 156 16.01 1.30 -9.81
C GLU A 156 17.22 1.35 -8.89
N VAL A 157 17.30 0.41 -7.93
CA VAL A 157 18.32 0.49 -6.90
C VAL A 157 19.71 0.13 -7.46
N PHE A 158 19.77 -0.76 -8.45
CA PHE A 158 21.03 -1.18 -9.05
C PHE A 158 21.26 -0.57 -10.43
N SER A 159 20.51 0.48 -10.77
CA SER A 159 20.78 1.21 -12.02
C SER A 159 22.15 1.85 -11.99
N ASN A 160 22.64 2.23 -10.80
CA ASN A 160 24.01 2.67 -10.62
C ASN A 160 24.63 1.90 -9.46
N ASN A 161 25.83 2.29 -9.04
CA ASN A 161 26.56 1.59 -8.01
C ASN A 161 26.51 2.28 -6.65
N GLN A 162 25.65 3.27 -6.47
CA GLN A 162 25.65 4.00 -5.22
C GLN A 162 25.21 3.13 -4.07
N PHE A 163 24.14 2.35 -4.25
CA PHE A 163 23.70 1.48 -3.18
C PHE A 163 24.75 0.43 -2.85
N ILE A 164 25.26 -0.25 -3.88
CA ILE A 164 26.30 -1.25 -3.68
C ILE A 164 27.50 -0.63 -2.97
N ASP A 165 27.87 0.58 -3.38
CA ASP A 165 29.02 1.25 -2.75
C ASP A 165 28.74 1.59 -1.29
N SER A 166 27.53 2.06 -0.99
CA SER A 166 27.21 2.46 0.38
C SER A 166 27.41 1.31 1.35
N LEU A 167 27.23 0.07 0.91
CA LEU A 167 27.38 -1.07 1.82
C LEU A 167 28.80 -1.19 2.31
N HIS A 168 29.79 -0.95 1.45
CA HIS A 168 31.16 -0.96 1.90
C HIS A 168 31.37 0.06 3.02
N ASP A 169 30.83 1.28 2.86
CA ASP A 169 31.01 2.31 3.88
C ASP A 169 30.53 1.86 5.26
N VAL A 170 29.71 0.81 5.33
CA VAL A 170 29.17 0.31 6.58
C VAL A 170 29.64 -1.13 6.86
N ASN A 171 30.77 -1.53 6.26
CA ASN A 171 31.33 -2.88 6.41
C ASN A 171 30.27 -3.96 6.25
N LEU A 172 29.42 -3.80 5.20
CA LEU A 172 28.33 -4.72 4.94
C LEU A 172 28.28 -5.19 3.48
N SER A 173 29.38 -5.12 2.75
CA SER A 173 29.39 -5.61 1.38
C SER A 173 29.26 -7.13 1.36
N PRO A 174 28.48 -7.67 0.43
CA PRO A 174 28.48 -9.14 0.24
C PRO A 174 29.78 -9.60 -0.40
N GLU A 175 30.10 -10.87 -0.16
CA GLU A 175 31.24 -11.49 -0.84
C GLU A 175 30.98 -11.59 -2.35
N ILE A 176 29.73 -11.79 -2.76
CA ILE A 176 29.41 -12.03 -4.16
C ILE A 176 28.12 -11.30 -4.49
N ILE A 177 28.14 -10.56 -5.59
CA ILE A 177 26.97 -9.89 -6.16
C ILE A 177 26.78 -10.44 -7.56
N LEU A 178 25.62 -11.00 -7.82
CA LEU A 178 25.24 -11.45 -9.15
C LEU A 178 24.13 -10.54 -9.66
N MET A 179 24.13 -10.28 -10.97
CA MET A 179 23.20 -9.31 -11.52
C MET A 179 22.52 -9.85 -12.77
N LEU A 180 21.19 -9.87 -12.75
CA LEU A 180 20.40 -9.98 -13.96
C LEU A 180 20.59 -8.74 -14.82
N ASN A 181 20.49 -8.92 -16.14
CA ASN A 181 20.73 -7.81 -17.08
C ASN A 181 22.07 -7.14 -16.76
N HIS A 182 23.08 -7.96 -16.51
CA HIS A 182 24.32 -7.47 -15.95
C HIS A 182 25.07 -6.58 -16.96
N GLN A 183 26.04 -5.83 -16.44
CA GLN A 183 27.00 -5.11 -17.25
C GLN A 183 28.31 -5.89 -17.30
N ALA A 184 29.17 -5.51 -18.26
CA ALA A 184 30.37 -6.28 -18.54
C ALA A 184 31.19 -6.56 -17.28
N THR A 185 31.38 -5.55 -16.44
CA THR A 185 32.16 -5.72 -15.21
C THR A 185 31.41 -6.43 -14.11
N ASP A 186 30.17 -6.86 -14.35
CA ASP A 186 29.36 -7.57 -13.37
C ASP A 186 29.54 -9.07 -13.51
N PHE A 187 29.24 -9.77 -12.42
CA PHE A 187 28.98 -11.20 -12.54
C PHE A 187 27.57 -11.36 -13.10
N GLY A 188 27.46 -11.95 -14.30
CA GLY A 188 26.16 -12.15 -14.90
C GLY A 188 25.43 -13.33 -14.26
N LEU A 189 24.21 -13.10 -13.78
CA LEU A 189 23.44 -14.17 -13.17
C LEU A 189 23.30 -15.36 -14.12
N LEU A 190 22.96 -15.09 -15.39
CA LEU A 190 22.84 -16.17 -16.36
C LEU A 190 24.15 -16.91 -16.59
N ASP A 191 25.29 -16.24 -16.44
CA ASP A 191 26.57 -16.92 -16.65
C ASP A 191 26.82 -17.95 -15.55
N TRP A 192 26.47 -17.62 -14.32
CA TRP A 192 26.57 -18.55 -13.20
C TRP A 192 25.48 -19.61 -13.22
N ILE A 193 24.49 -19.48 -14.09
CA ILE A 193 23.40 -20.44 -14.11
C ILE A 193 23.64 -21.43 -15.23
N GLU A 194 24.25 -20.95 -16.32
CA GLU A 194 24.38 -21.77 -17.51
C GLU A 194 25.57 -22.71 -17.45
N THR A 195 26.58 -22.39 -16.63
CA THR A 195 27.83 -23.12 -16.51
C THR A 195 28.03 -23.64 -15.10
N PRO A 196 28.26 -24.94 -14.90
CA PRO A 196 28.62 -25.41 -13.57
C PRO A 196 30.07 -25.06 -13.25
N ALA A 197 30.39 -25.11 -11.95
CA ALA A 197 31.71 -24.71 -11.48
C ALA A 197 32.79 -25.66 -12.04
N GLU A 198 34.02 -25.14 -12.11
CA GLU A 198 35.11 -25.92 -12.70
C GLU A 198 35.58 -27.01 -11.76
N THR A 199 35.72 -26.69 -10.48
CA THR A 199 36.05 -27.66 -9.45
C THR A 199 34.77 -28.23 -8.83
N PHE A 200 34.94 -29.21 -7.94
CA PHE A 200 33.82 -29.78 -7.20
C PHE A 200 34.01 -29.50 -5.72
N VAL A 201 33.04 -28.81 -5.13
CA VAL A 201 32.94 -28.72 -3.68
C VAL A 201 31.61 -29.34 -3.30
N ASP A 202 31.59 -30.04 -2.16
CA ASP A 202 30.37 -30.65 -1.68
C ASP A 202 29.46 -29.60 -1.06
N PHE A 203 28.16 -29.88 -1.11
CA PHE A 203 27.16 -29.00 -0.53
C PHE A 203 25.90 -29.83 -0.29
N SER A 204 25.03 -29.29 0.55
CA SER A 204 23.77 -29.94 0.88
C SER A 204 22.81 -28.92 1.48
N SER A 205 21.53 -29.26 1.50
CA SER A 205 20.54 -28.38 2.11
C SER A 205 20.77 -28.26 3.60
N THR A 206 20.24 -27.18 4.19
CA THR A 206 20.09 -27.14 5.64
C THR A 206 19.17 -28.30 6.07
N PRO A 207 19.29 -28.78 7.31
CA PRO A 207 18.47 -29.94 7.71
C PRO A 207 16.99 -29.57 7.78
N ALA A 208 16.15 -30.57 7.49
CA ALA A 208 14.74 -30.32 7.23
C ALA A 208 14.04 -29.62 8.39
N ASP A 209 14.45 -29.87 9.64
CA ASP A 209 13.84 -29.15 10.76
C ASP A 209 14.66 -27.93 11.17
N GLU A 210 15.43 -27.36 10.25
CA GLU A 210 16.12 -26.09 10.45
C GLU A 210 15.63 -25.09 9.39
N VAL A 211 16.15 -23.86 9.45
CA VAL A 211 15.64 -22.80 8.60
C VAL A 211 16.04 -23.07 7.15
N ALA A 212 15.06 -22.96 6.25
CA ALA A 212 15.32 -22.94 4.80
C ALA A 212 15.43 -21.52 4.27
N PHE A 213 14.47 -20.66 4.59
CA PHE A 213 14.50 -19.29 4.08
C PHE A 213 13.66 -18.40 4.98
N PHE A 214 13.67 -17.11 4.65
CA PHE A 214 12.96 -16.07 5.39
C PHE A 214 11.76 -15.62 4.58
N GLN A 215 10.59 -15.74 5.17
CA GLN A 215 9.40 -15.04 4.68
C GLN A 215 9.35 -13.64 5.30
N LEU A 216 8.42 -12.81 4.83
CA LEU A 216 8.33 -11.41 5.26
C LEU A 216 6.93 -11.13 5.76
N SER A 217 6.82 -10.42 6.88
CA SER A 217 5.49 -10.11 7.39
C SER A 217 4.75 -9.14 6.47
N GLY A 218 3.43 -9.24 6.47
CA GLY A 218 2.55 -8.29 5.80
C GLY A 218 1.82 -7.44 6.84
N GLY A 219 1.71 -6.14 6.54
CA GLY A 219 1.02 -5.24 7.45
C GLY A 219 1.82 -4.78 8.64
N SER A 220 3.04 -5.30 8.85
CA SER A 220 3.89 -4.79 9.91
C SER A 220 4.15 -3.29 9.74
N THR A 221 4.40 -2.59 10.85
CA THR A 221 4.49 -1.12 10.81
C THR A 221 5.64 -0.62 9.93
N GLY A 222 6.88 -0.84 10.37
CA GLY A 222 8.03 -0.44 9.57
C GLY A 222 8.40 -1.43 8.47
N THR A 223 9.69 -1.68 8.29
CA THR A 223 10.09 -2.70 7.33
C THR A 223 9.50 -4.05 7.70
N PRO A 224 9.15 -4.88 6.71
CA PRO A 224 8.59 -6.21 7.02
C PRO A 224 9.55 -7.02 7.87
N LYS A 225 9.00 -7.67 8.91
CA LYS A 225 9.80 -8.49 9.80
C LYS A 225 10.08 -9.86 9.18
N LEU A 226 11.23 -10.44 9.56
CA LEU A 226 11.71 -11.69 8.97
C LEU A 226 11.07 -12.89 9.67
N ILE A 227 10.59 -13.83 8.87
CA ILE A 227 9.88 -15.02 9.36
C ILE A 227 10.68 -16.25 8.93
N PRO A 228 11.43 -16.87 9.84
CA PRO A 228 12.15 -18.09 9.47
C PRO A 228 11.16 -19.21 9.17
N ARG A 229 11.40 -19.93 8.07
CA ARG A 229 10.57 -21.07 7.68
C ARG A 229 11.48 -22.28 7.48
N THR A 230 11.15 -23.40 8.12
CA THR A 230 11.94 -24.61 7.96
C THR A 230 11.44 -25.40 6.74
N HIS A 231 12.28 -26.33 6.29
CA HIS A 231 11.86 -27.23 5.21
C HIS A 231 10.61 -27.98 5.60
N ASN A 232 10.59 -28.58 6.79
CA ASN A 232 9.43 -29.36 7.23
C ASN A 232 8.14 -28.55 7.13
N ASP A 233 8.09 -27.38 7.79
CA ASP A 233 6.80 -26.70 7.88
C ASP A 233 6.38 -26.12 6.53
N TYR A 234 7.32 -25.59 5.74
CA TYR A 234 6.92 -25.01 4.46
C TYR A 234 6.47 -26.10 3.48
N ASP A 235 7.26 -27.19 3.35
CA ASP A 235 6.87 -28.29 2.48
C ASP A 235 5.48 -28.82 2.84
N TYR A 236 5.19 -28.97 4.14
CA TYR A 236 3.87 -29.45 4.54
C TYR A 236 2.78 -28.52 4.01
N SER A 237 2.90 -27.22 4.30
CA SER A 237 1.85 -26.30 3.88
C SER A 237 1.71 -26.30 2.36
N VAL A 238 2.79 -26.55 1.63
CA VAL A 238 2.73 -26.66 0.17
C VAL A 238 1.99 -27.94 -0.23
N ARG A 239 2.38 -29.09 0.34
CA ARG A 239 1.78 -30.36 -0.04
C ARG A 239 0.30 -30.39 0.32
N ALA A 240 -0.04 -29.89 1.51
CA ALA A 240 -1.44 -29.91 1.92
C ALA A 240 -2.26 -28.93 1.07
N SER A 241 -1.75 -27.73 0.80
CA SER A 241 -2.49 -26.79 -0.04
C SER A 241 -2.74 -27.38 -1.41
N ALA A 242 -1.71 -27.97 -2.00
CA ALA A 242 -1.86 -28.59 -3.31
C ALA A 242 -3.02 -29.55 -3.33
N GLU A 243 -3.13 -30.41 -2.31
CA GLU A 243 -4.24 -31.36 -2.33
C GLU A 243 -5.57 -30.64 -2.21
N ILE A 244 -5.66 -29.64 -1.31
CA ILE A 244 -6.91 -28.93 -1.06
C ILE A 244 -7.38 -28.12 -2.26
N CYS A 245 -6.46 -27.58 -3.06
CA CYS A 245 -6.84 -26.85 -4.25
C CYS A 245 -6.96 -27.74 -5.49
N GLY A 246 -6.82 -29.05 -5.33
CA GLY A 246 -7.01 -29.95 -6.47
C GLY A 246 -5.96 -29.88 -7.56
N LEU A 247 -4.73 -29.46 -7.26
CA LEU A 247 -3.70 -29.41 -8.28
C LEU A 247 -3.38 -30.81 -8.77
N ASN A 248 -3.09 -30.93 -10.07
CA ASN A 248 -2.58 -32.15 -10.65
C ASN A 248 -1.59 -31.77 -11.75
N SER A 249 -1.11 -32.78 -12.47
CA SER A 249 -0.06 -32.56 -13.47
C SER A 249 -0.53 -31.76 -14.67
N ASN A 250 -1.84 -31.53 -14.82
CA ASN A 250 -2.36 -30.67 -15.88
C ASN A 250 -2.55 -29.23 -15.45
N THR A 251 -2.26 -28.92 -14.19
CA THR A 251 -2.46 -27.57 -13.71
C THR A 251 -1.47 -26.63 -14.36
N ARG A 252 -1.95 -25.49 -14.83
CA ARG A 252 -1.12 -24.43 -15.39
C ARG A 252 -1.54 -23.16 -14.66
N LEU A 253 -0.70 -22.71 -13.72
CA LEU A 253 -1.06 -21.69 -12.77
C LEU A 253 -0.41 -20.36 -13.14
N LEU A 254 -1.23 -19.34 -13.40
CA LEU A 254 -0.69 -18.02 -13.65
C LEU A 254 -0.05 -17.50 -12.38
N CYS A 255 1.17 -16.97 -12.50
CA CYS A 255 1.88 -16.34 -11.40
CA CYS A 255 1.87 -16.34 -11.39
C CYS A 255 2.00 -14.85 -11.72
N ALA A 256 0.92 -14.12 -11.44
CA ALA A 256 0.85 -12.69 -11.73
C ALA A 256 1.14 -11.83 -10.50
N LEU A 257 0.89 -12.36 -9.30
CA LEU A 257 1.30 -11.68 -8.07
C LEU A 257 2.81 -11.83 -7.91
N PRO A 258 3.40 -11.11 -6.97
CA PRO A 258 4.86 -11.19 -6.77
C PRO A 258 5.31 -12.60 -6.39
N ALA A 259 6.19 -13.19 -7.21
CA ALA A 259 6.67 -14.55 -6.96
C ALA A 259 7.10 -14.80 -5.53
N PRO A 260 7.78 -13.88 -4.84
CA PRO A 260 8.21 -14.17 -3.47
C PRO A 260 7.07 -14.25 -2.46
N HIS A 261 5.88 -13.72 -2.76
CA HIS A 261 4.85 -13.60 -1.73
C HIS A 261 4.31 -14.97 -1.29
N ASN A 262 4.10 -15.14 0.01
CA ASN A 262 3.64 -16.42 0.53
C ASN A 262 2.45 -16.95 -0.27
N PHE A 263 1.53 -16.06 -0.64
CA PHE A 263 0.34 -16.46 -1.38
C PHE A 263 0.72 -17.07 -2.72
N MET A 264 1.61 -16.41 -3.44
CA MET A 264 1.97 -16.86 -4.79
C MET A 264 3.01 -17.96 -4.81
N LEU A 265 3.75 -18.17 -3.71
CA LEU A 265 4.82 -19.17 -3.67
C LEU A 265 4.35 -20.51 -3.13
N SER A 266 3.35 -20.52 -2.21
CA SER A 266 3.06 -21.72 -1.45
C SER A 266 1.59 -22.01 -1.14
N SER A 267 0.63 -21.16 -1.52
CA SER A 267 -0.77 -21.34 -1.09
C SER A 267 -1.74 -21.24 -2.26
N PRO A 268 -1.70 -22.18 -3.19
CA PRO A 268 -0.74 -23.29 -3.27
C PRO A 268 0.51 -22.83 -4.00
N GLY A 269 0.38 -21.85 -4.90
CA GLY A 269 1.53 -21.17 -5.46
C GLY A 269 2.36 -22.03 -6.37
N ALA A 270 3.42 -21.43 -6.90
CA ALA A 270 4.31 -22.15 -7.78
C ALA A 270 4.81 -23.45 -7.12
N LEU A 271 5.17 -23.39 -5.85
CA LEU A 271 5.69 -24.60 -5.21
C LEU A 271 4.63 -25.69 -5.22
N GLY A 272 3.37 -25.31 -4.93
CA GLY A 272 2.30 -26.29 -4.94
C GLY A 272 2.08 -26.90 -6.31
N VAL A 273 2.29 -26.11 -7.36
CA VAL A 273 2.11 -26.63 -8.71
C VAL A 273 3.26 -27.54 -9.09
N LEU A 274 4.48 -27.18 -8.70
CA LEU A 274 5.60 -28.08 -8.94
C LEU A 274 5.41 -29.37 -8.16
N HIS A 275 4.99 -29.25 -6.90
CA HIS A 275 4.70 -30.44 -6.12
C HIS A 275 3.75 -31.37 -6.85
N ALA A 276 2.73 -30.80 -7.51
CA ALA A 276 1.74 -31.61 -8.21
C ALA A 276 2.16 -32.00 -9.62
N GLY A 277 3.36 -31.60 -10.05
CA GLY A 277 3.82 -32.00 -11.36
C GLY A 277 3.35 -31.14 -12.50
N GLY A 278 2.79 -29.96 -12.21
CA GLY A 278 2.21 -29.07 -13.22
C GLY A 278 3.17 -28.00 -13.66
N CYS A 279 2.64 -26.89 -14.14
CA CYS A 279 3.45 -25.87 -14.76
C CYS A 279 3.05 -24.49 -14.27
N VAL A 280 4.04 -23.69 -13.90
CA VAL A 280 3.81 -22.29 -13.55
C VAL A 280 3.99 -21.46 -14.82
N VAL A 281 3.09 -20.50 -15.03
CA VAL A 281 3.11 -19.60 -16.17
C VAL A 281 3.28 -18.16 -15.66
N MET A 282 4.38 -17.52 -16.03
CA MET A 282 4.80 -16.24 -15.46
C MET A 282 4.02 -15.08 -16.09
N ALA A 283 3.74 -14.05 -15.28
CA ALA A 283 3.33 -12.75 -15.80
C ALA A 283 4.08 -11.68 -15.03
N PRO A 284 4.43 -10.57 -15.67
CA PRO A 284 5.10 -9.50 -14.93
C PRO A 284 4.28 -8.97 -13.77
N ASN A 285 2.95 -8.89 -13.95
CA ASN A 285 2.06 -8.33 -12.96
C ASN A 285 0.62 -8.70 -13.34
N PRO A 286 -0.39 -8.26 -12.59
CA PRO A 286 -1.77 -8.67 -12.90
C PRO A 286 -2.47 -7.85 -13.96
N GLU A 287 -1.79 -6.94 -14.67
CA GLU A 287 -2.44 -6.12 -15.68
C GLU A 287 -3.34 -6.98 -16.57
N PRO A 288 -4.61 -6.61 -16.73
CA PRO A 288 -5.58 -7.56 -17.32
C PRO A 288 -5.29 -7.95 -18.75
N LEU A 289 -4.92 -7.01 -19.61
CA LEU A 289 -4.86 -7.38 -21.02
C LEU A 289 -3.65 -8.28 -21.27
N ASN A 290 -2.51 -8.00 -20.64
CA ASN A 290 -1.38 -8.89 -20.79
C ASN A 290 -1.68 -10.27 -20.21
N CYS A 291 -2.20 -10.30 -18.97
CA CYS A 291 -2.62 -11.57 -18.36
C CYS A 291 -3.59 -12.35 -19.23
N PHE A 292 -4.60 -11.69 -19.78
CA PHE A 292 -5.56 -12.39 -20.63
C PHE A 292 -4.87 -13.04 -21.81
N SER A 293 -3.90 -12.34 -22.37
CA SER A 293 -3.16 -12.86 -23.51
C SER A 293 -2.36 -14.10 -23.12
N ILE A 294 -1.64 -14.03 -22.00
CA ILE A 294 -0.86 -15.15 -21.53
C ILE A 294 -1.76 -16.34 -21.23
N ILE A 295 -2.95 -16.06 -20.69
CA ILE A 295 -3.89 -17.13 -20.35
C ILE A 295 -4.34 -17.86 -21.61
N GLN A 296 -4.59 -17.12 -22.68
CA GLN A 296 -5.00 -17.76 -23.93
C GLN A 296 -3.83 -18.46 -24.61
N ARG A 297 -2.67 -17.81 -24.62
CA ARG A 297 -1.53 -18.39 -25.33
C ARG A 297 -1.18 -19.76 -24.77
N HIS A 298 -1.22 -19.91 -23.45
CA HIS A 298 -0.74 -21.13 -22.81
C HIS A 298 -1.86 -21.95 -22.14
N GLN A 299 -3.12 -21.59 -22.41
CA GLN A 299 -4.29 -22.25 -21.83
C GLN A 299 -4.17 -22.38 -20.30
N VAL A 300 -3.79 -21.27 -19.66
CA VAL A 300 -3.77 -21.22 -18.20
C VAL A 300 -5.11 -21.68 -17.65
N ASN A 301 -5.09 -22.56 -16.63
CA ASN A 301 -6.35 -22.98 -16.04
C ASN A 301 -6.49 -22.63 -14.56
N MET A 302 -5.54 -21.88 -13.99
CA MET A 302 -5.64 -21.48 -12.60
C MET A 302 -4.90 -20.17 -12.41
N ALA A 303 -5.45 -19.32 -11.55
CA ALA A 303 -4.77 -18.07 -11.20
C ALA A 303 -5.08 -17.76 -9.74
N SER A 304 -4.23 -16.92 -9.16
CA SER A 304 -4.37 -16.49 -7.77
C SER A 304 -4.20 -14.99 -7.74
N LEU A 305 -5.16 -14.30 -7.11
CA LEU A 305 -5.22 -12.85 -7.17
C LEU A 305 -5.66 -12.29 -5.82
N VAL A 306 -5.29 -11.03 -5.60
CA VAL A 306 -5.79 -10.21 -4.51
C VAL A 306 -7.02 -9.45 -5.00
N PRO A 307 -7.91 -9.03 -4.12
CA PRO A 307 -9.14 -8.37 -4.60
C PRO A 307 -8.93 -7.20 -5.55
N SER A 308 -7.94 -6.33 -5.32
CA SER A 308 -7.76 -5.19 -6.25
C SER A 308 -7.52 -5.66 -7.68
N ALA A 309 -6.79 -6.76 -7.86
CA ALA A 309 -6.53 -7.29 -9.20
C ALA A 309 -7.78 -7.97 -9.77
N VAL A 310 -8.54 -8.67 -8.93
CA VAL A 310 -9.80 -9.24 -9.41
C VAL A 310 -10.65 -8.15 -10.03
N ILE A 311 -10.73 -7.00 -9.36
CA ILE A 311 -11.57 -5.92 -9.86
C ILE A 311 -11.07 -5.45 -11.22
N MET A 312 -9.75 -5.29 -11.37
CA MET A 312 -9.22 -4.94 -12.69
C MET A 312 -9.63 -5.95 -13.75
N TRP A 313 -9.58 -7.26 -13.44
CA TRP A 313 -9.95 -8.25 -14.43
C TRP A 313 -11.43 -8.22 -14.72
N LEU A 314 -12.26 -8.07 -13.69
CA LEU A 314 -13.71 -7.95 -13.89
C LEU A 314 -14.05 -6.82 -14.85
N GLU A 315 -13.34 -5.69 -14.77
CA GLU A 315 -13.65 -4.58 -15.65
C GLU A 315 -13.39 -4.89 -17.11
N LYS A 316 -12.56 -5.87 -17.44
CA LYS A 316 -12.31 -6.13 -18.85
C LYS A 316 -12.76 -7.51 -19.30
N ALA A 317 -13.19 -8.38 -18.39
CA ALA A 317 -13.38 -9.79 -18.74
C ALA A 317 -14.43 -9.98 -19.83
N ALA A 318 -15.51 -9.21 -19.81
CA ALA A 318 -16.58 -9.42 -20.78
C ALA A 318 -16.09 -9.20 -22.21
N GLN A 319 -15.23 -8.20 -22.44
CA GLN A 319 -14.68 -7.98 -23.78
C GLN A 319 -13.81 -9.16 -24.22
N TYR A 320 -13.19 -9.88 -23.28
CA TYR A 320 -12.21 -10.92 -23.62
C TYR A 320 -12.62 -12.29 -23.11
N LYS A 321 -13.92 -12.55 -22.96
CA LYS A 321 -14.38 -13.88 -22.55
C LYS A 321 -13.56 -14.97 -23.21
N ASP A 322 -13.32 -14.85 -24.52
CA ASP A 322 -12.70 -15.93 -25.28
C ASP A 322 -11.26 -16.18 -24.83
N GLN A 323 -10.51 -15.13 -24.53
CA GLN A 323 -9.11 -15.32 -24.15
C GLN A 323 -8.98 -16.01 -22.81
N ILE A 324 -9.96 -15.82 -21.91
CA ILE A 324 -9.81 -16.36 -20.58
C ILE A 324 -10.70 -17.58 -20.34
N GLN A 325 -11.33 -18.14 -21.38
CA GLN A 325 -12.25 -19.26 -21.16
C GLN A 325 -11.58 -20.42 -20.42
N SER A 326 -10.32 -20.72 -20.74
CA SER A 326 -9.65 -21.90 -20.17
C SER A 326 -9.44 -21.78 -18.67
N LEU A 327 -9.61 -20.61 -18.10
CA LEU A 327 -9.52 -20.48 -16.65
C LEU A 327 -10.53 -21.40 -15.98
N LYS A 328 -10.06 -22.20 -15.02
CA LYS A 328 -10.92 -23.12 -14.29
C LYS A 328 -11.09 -22.78 -12.83
N LEU A 329 -10.12 -22.11 -12.22
CA LEU A 329 -10.16 -21.93 -10.78
C LEU A 329 -9.37 -20.69 -10.39
N LEU A 330 -9.97 -19.83 -9.57
CA LEU A 330 -9.33 -18.60 -9.13
C LEU A 330 -9.31 -18.57 -7.60
N GLN A 331 -8.11 -18.58 -7.01
CA GLN A 331 -7.96 -18.21 -5.61
C GLN A 331 -8.04 -16.70 -5.47
N VAL A 332 -8.76 -16.22 -4.46
CA VAL A 332 -8.79 -14.81 -4.11
C VAL A 332 -8.55 -14.66 -2.61
N GLY A 333 -7.60 -13.81 -2.25
CA GLY A 333 -7.40 -13.49 -0.85
C GLY A 333 -6.42 -12.33 -0.73
N GLY A 334 -6.24 -11.89 0.51
CA GLY A 334 -5.27 -10.86 0.81
C GLY A 334 -5.88 -9.56 1.26
N ALA A 335 -7.19 -9.42 1.16
CA ALA A 335 -7.88 -8.16 1.47
C ALA A 335 -9.36 -8.45 1.43
N SER A 336 -10.12 -7.52 1.99
CA SER A 336 -11.57 -7.61 1.98
C SER A 336 -12.11 -7.93 0.60
N PHE A 337 -12.99 -8.93 0.52
CA PHE A 337 -13.55 -9.42 -0.74
C PHE A 337 -15.03 -9.63 -0.53
N PRO A 338 -15.84 -8.57 -0.63
CA PRO A 338 -17.24 -8.67 -0.22
C PRO A 338 -18.03 -9.66 -1.08
N GLU A 339 -19.09 -10.19 -0.48
CA GLU A 339 -19.92 -11.18 -1.17
C GLU A 339 -20.33 -10.73 -2.58
N SER A 340 -20.61 -9.45 -2.77
CA SER A 340 -21.11 -9.03 -4.08
C SER A 340 -20.03 -9.11 -5.14
N LEU A 341 -18.77 -8.93 -4.75
CA LEU A 341 -17.67 -9.11 -5.70
C LEU A 341 -17.42 -10.60 -5.97
N ALA A 342 -17.37 -11.40 -4.91
CA ALA A 342 -17.14 -12.83 -5.06
C ALA A 342 -18.10 -13.45 -6.08
N ARG A 343 -19.39 -13.07 -6.04
CA ARG A 343 -20.36 -13.69 -6.93
C ARG A 343 -20.13 -13.32 -8.38
N GLN A 344 -19.33 -12.30 -8.67
CA GLN A 344 -19.06 -11.94 -10.05
C GLN A 344 -18.03 -12.86 -10.70
N VAL A 345 -17.21 -13.53 -9.89
CA VAL A 345 -16.10 -14.33 -10.38
C VAL A 345 -16.65 -15.43 -11.29
N PRO A 346 -17.51 -16.31 -10.80
CA PRO A 346 -18.10 -17.30 -11.71
C PRO A 346 -18.91 -16.68 -12.82
N GLU A 347 -19.61 -15.55 -12.58
CA GLU A 347 -20.50 -14.99 -13.59
C GLU A 347 -19.73 -14.33 -14.74
N VAL A 348 -18.67 -13.59 -14.43
CA VAL A 348 -17.94 -12.79 -15.40
C VAL A 348 -16.64 -13.48 -15.84
N LEU A 349 -15.84 -13.94 -14.89
CA LEU A 349 -14.60 -14.62 -15.24
C LEU A 349 -14.79 -16.08 -15.62
N ASN A 350 -15.99 -16.63 -15.44
CA ASN A 350 -16.35 -17.96 -15.95
C ASN A 350 -15.42 -19.04 -15.40
N CYS A 351 -15.21 -19.02 -14.09
CA CYS A 351 -14.43 -20.05 -13.43
C CYS A 351 -14.88 -20.16 -11.98
N LYS A 352 -14.60 -21.31 -11.37
CA LYS A 352 -14.88 -21.50 -9.95
C LYS A 352 -14.09 -20.50 -9.10
N LEU A 353 -14.67 -20.16 -7.96
CA LEU A 353 -13.98 -19.31 -7.00
C LEU A 353 -13.51 -20.15 -5.83
N GLN A 354 -12.34 -19.82 -5.31
CA GLN A 354 -11.87 -20.34 -4.03
C GLN A 354 -11.33 -19.17 -3.23
N GLN A 355 -11.85 -19.00 -2.03
CA GLN A 355 -11.44 -17.90 -1.17
C GLN A 355 -10.38 -18.38 -0.20
N ALA A 356 -9.42 -17.50 0.08
CA ALA A 356 -8.35 -17.88 0.98
C ALA A 356 -8.03 -16.70 1.88
N PHE A 357 -7.58 -17.03 3.07
CA PHE A 357 -7.10 -16.05 4.03
C PHE A 357 -5.91 -16.69 4.71
N GLY A 358 -4.73 -16.15 4.46
CA GLY A 358 -3.51 -16.70 4.98
C GLY A 358 -2.60 -15.60 5.47
N MET A 359 -1.43 -16.01 5.92
CA MET A 359 -0.44 -15.09 6.44
C MET A 359 0.92 -15.74 6.25
N ALA A 360 1.92 -14.92 5.94
CA ALA A 360 3.26 -15.45 5.77
C ALA A 360 3.82 -16.05 7.06
N GLU A 361 3.23 -15.74 8.22
CA GLU A 361 3.67 -16.31 9.49
C GLU A 361 3.26 -17.78 9.60
N GLY A 362 2.28 -18.22 8.80
CA GLY A 362 1.87 -19.61 8.85
C GLY A 362 0.46 -19.90 8.37
N LEU A 363 -0.48 -19.96 9.32
CA LEU A 363 -1.87 -20.32 9.08
C LEU A 363 -2.39 -19.86 7.72
N VAL A 364 -2.97 -20.80 6.98
CA VAL A 364 -3.63 -20.52 5.71
C VAL A 364 -4.99 -21.19 5.74
N ASN A 365 -6.03 -20.45 5.35
CA ASN A 365 -7.40 -20.95 5.24
C ASN A 365 -7.86 -20.93 3.79
N TYR A 366 -8.55 -21.99 3.37
CA TYR A 366 -9.19 -22.04 2.05
C TYR A 366 -10.65 -22.48 2.19
N THR A 367 -11.53 -21.92 1.37
CA THR A 367 -12.79 -22.61 1.12
C THR A 367 -12.48 -23.90 0.36
N ARG A 368 -13.23 -24.95 0.64
CA ARG A 368 -12.96 -26.20 -0.07
C ARG A 368 -13.72 -26.20 -1.40
N LEU A 369 -13.21 -26.98 -2.34
CA LEU A 369 -13.81 -27.04 -3.67
C LEU A 369 -15.24 -27.56 -3.63
N ASP A 370 -15.59 -28.38 -2.64
CA ASP A 370 -16.95 -28.89 -2.54
C ASP A 370 -17.77 -28.17 -1.48
N ASP A 371 -17.35 -26.99 -1.04
CA ASP A 371 -18.17 -26.23 -0.11
C ASP A 371 -19.42 -25.72 -0.82
N SER A 372 -20.41 -25.35 -0.02
CA SER A 372 -21.61 -24.77 -0.61
C SER A 372 -21.30 -23.42 -1.24
N ASP A 373 -22.23 -22.96 -2.07
CA ASP A 373 -22.05 -21.66 -2.73
C ASP A 373 -22.04 -20.53 -1.71
N GLU A 374 -22.95 -20.57 -0.73
CA GLU A 374 -22.89 -19.61 0.37
C GLU A 374 -21.54 -19.62 1.09
N GLN A 375 -20.96 -20.80 1.31
CA GLN A 375 -19.68 -20.85 2.00
C GLN A 375 -18.59 -20.20 1.17
N ILE A 376 -18.49 -20.59 -0.10
CA ILE A 376 -17.48 -20.02 -0.99
C ILE A 376 -17.71 -18.52 -1.17
N PHE A 377 -18.96 -18.07 -1.21
CA PHE A 377 -19.21 -16.66 -1.49
C PHE A 377 -19.12 -15.74 -0.28
N THR A 378 -19.25 -16.25 0.96
CA THR A 378 -19.35 -15.37 2.11
C THR A 378 -18.34 -15.65 3.22
N THR A 379 -17.36 -16.50 2.99
CA THR A 379 -16.38 -16.85 4.01
C THR A 379 -15.03 -17.00 3.35
N GLN A 380 -13.99 -17.00 4.17
CA GLN A 380 -12.64 -17.27 3.70
C GLN A 380 -12.15 -18.68 4.12
N GLY A 381 -13.07 -19.60 4.37
CA GLY A 381 -12.70 -20.99 4.47
C GLY A 381 -12.21 -21.45 5.83
N ARG A 382 -11.37 -22.48 5.84
CA ARG A 382 -10.95 -23.08 7.09
C ARG A 382 -9.53 -23.62 6.94
N PRO A 383 -8.85 -23.86 8.05
CA PRO A 383 -7.41 -24.16 7.99
C PRO A 383 -7.04 -25.38 7.17
N ILE A 384 -5.84 -25.32 6.59
CA ILE A 384 -5.22 -26.48 5.94
C ILE A 384 -5.27 -27.72 6.83
N SER A 385 -4.85 -27.59 8.08
CA SER A 385 -4.56 -28.77 8.91
C SER A 385 -5.58 -28.91 10.02
N SER A 386 -6.05 -30.14 10.22
CA SER A 386 -6.84 -30.43 11.42
C SER A 386 -6.07 -30.12 12.70
N ASP A 387 -4.75 -29.97 12.63
CA ASP A 387 -3.98 -29.59 13.81
C ASP A 387 -3.62 -28.11 13.84
N ASP A 388 -4.25 -27.29 12.99
CA ASP A 388 -4.26 -25.85 13.21
C ASP A 388 -5.18 -25.55 14.39
N GLU A 389 -4.63 -24.98 15.46
CA GLU A 389 -5.44 -24.65 16.63
C GLU A 389 -5.79 -23.17 16.58
N ILE A 390 -7.08 -22.87 16.80
CA ILE A 390 -7.61 -21.53 16.64
C ILE A 390 -8.14 -21.06 17.97
N LYS A 391 -7.80 -19.84 18.36
CA LYS A 391 -8.51 -19.12 19.41
C LYS A 391 -8.98 -17.78 18.84
N ILE A 392 -10.20 -17.38 19.21
CA ILE A 392 -10.77 -16.10 18.83
C ILE A 392 -11.17 -15.38 20.12
N VAL A 393 -10.41 -14.35 20.49
CA VAL A 393 -10.47 -13.80 21.83
C VAL A 393 -10.91 -12.33 21.80
N ASP A 394 -11.38 -11.87 22.96
CA ASP A 394 -11.76 -10.47 23.13
C ASP A 394 -10.56 -9.70 23.68
N GLU A 395 -10.80 -8.50 24.21
CA GLU A 395 -9.71 -7.68 24.73
C GLU A 395 -9.14 -8.25 26.02
N GLN A 396 -9.98 -8.89 26.84
CA GLN A 396 -9.50 -9.61 28.01
C GLN A 396 -8.90 -10.98 27.66
N TYR A 397 -8.66 -11.24 26.38
CA TYR A 397 -8.06 -12.49 25.92
C TYR A 397 -8.84 -13.73 26.38
N ARG A 398 -10.08 -13.56 26.78
CA ARG A 398 -10.97 -14.69 26.93
C ARG A 398 -11.61 -15.03 25.58
N GLU A 399 -11.78 -16.32 25.30
CA GLU A 399 -12.47 -16.73 24.09
C GLU A 399 -13.85 -16.08 24.01
N VAL A 400 -14.23 -15.66 22.82
CA VAL A 400 -15.56 -15.09 22.61
C VAL A 400 -16.55 -16.24 22.40
N PRO A 401 -17.85 -16.01 22.62
CA PRO A 401 -18.83 -17.05 22.30
C PRO A 401 -18.92 -17.27 20.80
N GLU A 402 -19.03 -18.53 20.41
CA GLU A 402 -19.07 -18.91 18.99
C GLU A 402 -19.92 -17.93 18.20
N GLY A 403 -19.40 -17.50 17.05
CA GLY A 403 -20.11 -16.58 16.20
C GLY A 403 -19.61 -15.16 16.31
N GLU A 404 -19.24 -14.73 17.51
CA GLU A 404 -18.87 -13.34 17.73
C GLU A 404 -17.51 -13.03 17.13
N ILE A 405 -17.23 -11.73 16.99
CA ILE A 405 -15.97 -11.27 16.43
C ILE A 405 -14.91 -11.23 17.52
N GLY A 406 -13.70 -11.68 17.17
CA GLY A 406 -12.60 -11.65 18.11
C GLY A 406 -11.26 -11.51 17.40
N MET A 407 -10.22 -11.33 18.22
CA MET A 407 -8.84 -11.39 17.75
C MET A 407 -8.45 -12.85 17.50
N LEU A 408 -7.77 -13.09 16.38
CA LEU A 408 -7.35 -14.43 15.98
C LEU A 408 -6.03 -14.78 16.63
N ALA A 409 -5.99 -15.89 17.36
CA ALA A 409 -4.72 -16.47 17.80
C ALA A 409 -4.62 -17.90 17.30
N THR A 410 -3.42 -18.32 16.89
CA THR A 410 -3.30 -19.63 16.26
C THR A 410 -1.92 -20.26 16.48
N ARG A 411 -1.87 -21.58 16.40
CA ARG A 411 -0.63 -22.35 16.40
C ARG A 411 -0.89 -23.66 15.67
N GLY A 412 0.12 -24.16 15.00
CA GLY A 412 -0.06 -25.34 14.20
C GLY A 412 1.23 -25.82 13.59
N PRO A 413 1.13 -26.84 12.74
CA PRO A 413 2.34 -27.53 12.26
C PRO A 413 3.14 -26.73 11.23
N TYR A 414 2.63 -25.58 10.75
CA TYR A 414 3.35 -24.73 9.82
C TYR A 414 3.29 -23.26 10.23
N THR A 415 2.91 -22.95 11.46
CA THR A 415 2.90 -21.58 11.95
C THR A 415 4.16 -21.34 12.77
N PHE A 416 4.83 -20.22 12.52
CA PHE A 416 6.15 -20.02 13.09
C PHE A 416 6.03 -19.83 14.61
N CYS A 417 7.19 -19.80 15.27
CA CYS A 417 7.25 -19.63 16.72
C CYS A 417 7.93 -18.33 17.13
N GLY A 418 8.21 -17.45 16.17
CA GLY A 418 8.87 -16.20 16.48
C GLY A 418 9.62 -15.61 15.30
N TYR A 419 9.63 -14.27 15.22
CA TYR A 419 10.39 -13.56 14.20
C TYR A 419 11.88 -13.67 14.48
N TYR A 420 12.67 -13.52 13.41
CA TYR A 420 14.12 -13.59 13.50
C TYR A 420 14.66 -12.49 14.41
N GLN A 421 15.33 -12.90 15.50
CA GLN A 421 16.12 -11.97 16.32
C GLN A 421 15.28 -10.82 16.89
N SER A 422 14.08 -11.15 17.36
CA SER A 422 13.12 -10.13 17.81
C SER A 422 12.48 -10.61 19.09
N PRO A 423 13.27 -10.83 20.15
CA PRO A 423 12.70 -11.37 21.38
C PRO A 423 11.73 -10.41 22.08
N GLU A 424 11.83 -9.10 21.85
CA GLU A 424 10.88 -8.17 22.48
C GLU A 424 9.53 -8.24 21.79
N HIS A 425 9.52 -8.03 20.48
CA HIS A 425 8.27 -8.14 19.73
C HIS A 425 7.63 -9.51 19.93
N ASN A 426 8.44 -10.57 19.92
CA ASN A 426 7.88 -11.91 20.02
C ASN A 426 7.14 -12.11 21.32
N SER A 427 7.67 -11.57 22.42
CA SER A 427 7.00 -11.67 23.70
C SER A 427 5.64 -10.97 23.69
N GLN A 428 5.41 -10.04 22.75
CA GLN A 428 4.16 -9.29 22.68
C GLN A 428 3.09 -10.00 21.86
N VAL A 429 3.46 -10.75 20.81
CA VAL A 429 2.50 -11.36 19.91
C VAL A 429 2.35 -12.86 20.13
N PHE A 430 3.02 -13.45 21.13
CA PHE A 430 2.83 -14.85 21.51
C PHE A 430 2.39 -14.92 22.96
N ASP A 431 1.44 -15.80 23.28
CA ASP A 431 1.02 -15.99 24.66
C ASP A 431 1.78 -17.18 25.27
N GLU A 432 1.49 -17.48 26.54
CA GLU A 432 2.28 -18.49 27.26
C GLU A 432 2.22 -19.85 26.56
N ASP A 433 1.10 -20.19 25.91
CA ASP A 433 0.97 -21.45 25.17
C ASP A 433 1.45 -21.33 23.73
N ASN A 434 2.17 -20.27 23.40
CA ASN A 434 2.77 -20.07 22.07
C ASN A 434 1.74 -20.00 20.96
N TYR A 435 0.56 -19.48 21.26
CA TYR A 435 -0.32 -19.03 20.18
C TYR A 435 0.21 -17.73 19.60
N TYR A 436 0.13 -17.60 18.28
CA TYR A 436 0.49 -16.37 17.60
C TYR A 436 -0.77 -15.50 17.42
N TYR A 437 -0.67 -14.22 17.75
CA TYR A 437 -1.78 -13.27 17.59
C TYR A 437 -1.54 -12.45 16.33
N SER A 438 -2.30 -12.77 15.27
CA SER A 438 -2.04 -12.24 13.94
C SER A 438 -2.51 -10.79 13.75
N GLY A 439 -3.34 -10.30 14.66
CA GLY A 439 -3.94 -9.00 14.53
C GLY A 439 -5.25 -9.01 13.78
N ASP A 440 -5.54 -10.06 13.01
CA ASP A 440 -6.77 -10.12 12.25
C ASP A 440 -7.97 -10.32 13.17
N LEU A 441 -9.08 -9.65 12.82
CA LEU A 441 -10.38 -9.87 13.44
C LEU A 441 -11.19 -10.85 12.59
N VAL A 442 -11.88 -11.79 13.24
CA VAL A 442 -12.55 -12.88 12.55
C VAL A 442 -13.77 -13.31 13.36
N GLN A 443 -14.67 -14.01 12.69
CA GLN A 443 -15.70 -14.79 13.38
C GLN A 443 -15.81 -16.15 12.70
N ARG A 444 -16.14 -17.16 13.49
CA ARG A 444 -16.33 -18.50 12.96
C ARG A 444 -17.80 -18.68 12.62
N THR A 445 -18.11 -19.02 11.37
CA THR A 445 -19.48 -19.26 10.95
C THR A 445 -19.96 -20.62 11.44
N PRO A 446 -21.28 -20.85 11.43
CA PRO A 446 -21.81 -22.12 11.99
C PRO A 446 -21.27 -23.35 11.29
N ASP A 447 -21.09 -23.30 9.97
CA ASP A 447 -20.53 -24.39 9.19
C ASP A 447 -19.07 -24.67 9.50
N GLY A 448 -18.43 -23.93 10.41
CA GLY A 448 -17.05 -24.15 10.76
C GLY A 448 -16.03 -23.23 10.08
N ASN A 449 -16.43 -22.43 9.10
CA ASN A 449 -15.51 -21.61 8.33
C ASN A 449 -15.23 -20.28 9.03
N LEU A 450 -14.25 -19.56 8.51
CA LEU A 450 -13.84 -18.28 9.09
C LEU A 450 -14.23 -17.13 8.18
N ARG A 451 -14.60 -16.00 8.79
CA ARG A 451 -14.88 -14.75 8.09
C ARG A 451 -13.91 -13.70 8.58
N VAL A 452 -13.07 -13.18 7.69
CA VAL A 452 -12.13 -12.15 8.10
C VAL A 452 -12.84 -10.81 8.03
N VAL A 453 -12.82 -10.08 9.13
CA VAL A 453 -13.72 -8.98 9.41
C VAL A 453 -13.00 -7.65 9.62
N GLY A 454 -11.69 -7.67 9.79
CA GLY A 454 -10.92 -6.46 10.01
C GLY A 454 -9.61 -6.79 10.70
N ARG A 455 -8.87 -5.74 11.00
CA ARG A 455 -7.56 -5.82 11.62
C ARG A 455 -7.59 -5.09 12.96
N ILE A 456 -6.62 -5.40 13.81
CA ILE A 456 -6.51 -4.80 15.13
C ILE A 456 -5.05 -4.49 15.40
N LYS A 457 -4.81 -3.44 16.18
CA LYS A 457 -3.44 -3.06 16.55
C LYS A 457 -2.80 -4.12 17.42
N LYS B 23 -23.55 23.29 -17.98
CA LYS B 23 -24.24 24.41 -17.32
C LYS B 23 -24.56 24.02 -15.87
N GLN B 24 -24.91 22.76 -15.64
CA GLN B 24 -25.22 22.32 -14.29
C GLN B 24 -23.96 22.22 -13.43
N LEU B 25 -24.05 22.72 -12.22
CA LEU B 25 -23.00 22.49 -11.25
C LEU B 25 -22.90 21.00 -10.92
N ILE B 26 -21.69 20.57 -10.56
CA ILE B 26 -21.49 19.17 -10.15
C ILE B 26 -22.50 18.82 -9.06
N GLU B 27 -23.12 17.64 -9.19
CA GLU B 27 -24.03 17.16 -8.16
C GLU B 27 -23.27 16.64 -6.95
N PHE B 28 -23.93 16.67 -5.79
CA PHE B 28 -23.39 16.12 -4.55
C PHE B 28 -24.53 16.05 -3.54
N VAL B 29 -24.28 15.35 -2.43
CA VAL B 29 -25.26 15.22 -1.34
C VAL B 29 -25.03 16.36 -0.36
N ARG B 30 -26.08 17.15 -0.13
CA ARG B 30 -26.04 18.34 0.70
C ARG B 30 -26.29 17.99 2.16
N TRP B 31 -25.82 18.88 3.03
CA TRP B 31 -26.24 18.88 4.42
C TRP B 31 -27.71 19.31 4.50
N SER B 32 -28.38 18.89 5.57
CA SER B 32 -29.72 19.38 5.79
C SER B 32 -29.69 20.88 6.01
N PRO B 33 -30.79 21.59 5.68
CA PRO B 33 -30.78 23.06 5.86
C PRO B 33 -30.59 23.47 7.31
N GLU B 34 -31.19 22.76 8.26
CA GLU B 34 -30.97 23.07 9.68
C GLU B 34 -29.49 22.94 10.04
N ARG B 35 -28.79 21.92 9.53
CA ARG B 35 -27.37 21.83 9.85
C ARG B 35 -26.58 22.97 9.20
N ALA B 36 -26.90 23.29 7.94
CA ALA B 36 -26.23 24.40 7.27
C ALA B 36 -26.40 25.72 8.04
N GLN B 37 -27.64 26.02 8.45
CA GLN B 37 -27.85 27.24 9.21
C GLN B 37 -27.02 27.25 10.50
N HIS B 38 -27.04 26.13 11.23
CA HIS B 38 -26.24 26.01 12.46
C HIS B 38 -24.76 26.28 12.18
N TYR B 39 -24.21 25.63 11.15
CA TYR B 39 -22.80 25.83 10.87
C TYR B 39 -22.50 27.26 10.43
N ARG B 40 -23.46 27.94 9.79
CA ARG B 40 -23.24 29.36 9.51
C ARG B 40 -23.36 30.18 10.79
N ASN B 41 -24.32 29.84 11.66
CA ASN B 41 -24.49 30.60 12.90
C ASN B 41 -23.26 30.49 13.80
N LYS B 42 -22.61 29.32 13.80
CA LYS B 42 -21.42 29.15 14.64
C LYS B 42 -20.18 29.79 14.02
N GLY B 43 -20.28 30.32 12.80
CA GLY B 43 -19.13 30.89 12.14
C GLY B 43 -18.23 29.91 11.43
N TYR B 44 -18.61 28.61 11.37
CA TYR B 44 -17.79 27.63 10.66
C TYR B 44 -17.82 27.86 9.16
N TRP B 45 -19.02 27.91 8.58
CA TRP B 45 -19.19 28.20 7.16
C TRP B 45 -19.33 29.70 6.99
N ILE B 46 -18.38 30.33 6.31
CA ILE B 46 -18.45 31.77 6.09
C ILE B 46 -18.74 32.09 4.64
N ASP B 47 -19.03 31.09 3.81
CA ASP B 47 -19.45 31.30 2.43
C ASP B 47 -18.44 32.13 1.64
N GLN B 48 -17.17 31.76 1.75
CA GLN B 48 -16.13 32.31 0.90
C GLN B 48 -15.51 31.20 0.08
N PRO B 49 -15.09 31.47 -1.17
CA PRO B 49 -14.35 30.45 -1.92
C PRO B 49 -13.00 30.18 -1.26
N LEU B 50 -12.45 29.01 -1.55
CA LEU B 50 -11.12 28.66 -1.02
C LEU B 50 -10.06 29.65 -1.43
N THR B 51 -10.25 30.33 -2.56
CA THR B 51 -9.32 31.37 -2.98
C THR B 51 -9.19 32.48 -1.95
N ARG B 52 -10.08 32.55 -0.95
CA ARG B 52 -9.95 33.53 0.12
C ARG B 52 -8.55 33.47 0.76
N ILE B 53 -7.99 32.27 0.86
CA ILE B 53 -6.65 32.11 1.40
C ILE B 53 -5.67 33.01 0.67
N LEU B 54 -5.70 32.97 -0.67
CA LEU B 54 -4.82 33.80 -1.48
C LEU B 54 -5.20 35.27 -1.37
N THR B 55 -6.49 35.58 -1.53
CA THR B 55 -6.94 36.97 -1.54
C THR B 55 -6.50 37.69 -0.26
N VAL B 56 -6.89 37.15 0.90
CA VAL B 56 -6.53 37.76 2.18
C VAL B 56 -5.02 37.92 2.28
N GLY B 57 -4.28 36.89 1.88
CA GLY B 57 -2.83 36.93 1.98
C GLY B 57 -2.22 38.05 1.14
N VAL B 58 -2.67 38.19 -0.10
CA VAL B 58 -2.11 39.23 -0.97
C VAL B 58 -2.44 40.63 -0.41
N GLN B 59 -3.65 40.83 0.10
CA GLN B 59 -3.96 42.11 0.72
C GLN B 59 -3.11 42.37 1.97
N SER B 60 -2.75 41.31 2.71
CA SER B 60 -2.08 41.45 4.00
C SER B 60 -0.56 41.43 3.91
N HIS B 61 0.01 40.53 3.12
CA HIS B 61 1.46 40.31 3.06
C HIS B 61 1.85 39.88 1.65
N PRO B 62 1.65 40.74 0.64
CA PRO B 62 1.85 40.28 -0.76
C PRO B 62 3.23 39.70 -1.03
N HIS B 63 4.28 40.24 -0.41
CA HIS B 63 5.64 39.79 -0.66
C HIS B 63 6.15 38.78 0.37
N SER B 64 5.35 38.41 1.36
CA SER B 64 5.68 37.25 2.17
C SER B 64 5.92 36.04 1.26
N LEU B 65 6.91 35.22 1.62
CA LEU B 65 7.16 33.99 0.87
C LEU B 65 6.01 33.01 1.06
N ALA B 66 5.49 32.48 -0.04
CA ALA B 66 4.43 31.50 -0.01
C ALA B 66 4.87 30.10 -0.38
N ILE B 67 5.70 29.94 -1.39
CA ILE B 67 6.08 28.60 -1.81
C ILE B 67 7.57 28.59 -2.14
N ILE B 68 8.29 27.66 -1.53
CA ILE B 68 9.67 27.36 -1.88
C ILE B 68 9.68 25.96 -2.45
N CYS B 69 10.14 25.84 -3.70
CA CYS B 69 10.19 24.55 -4.39
C CYS B 69 11.52 24.51 -5.14
N GLY B 70 12.44 23.68 -4.67
CA GLY B 70 13.76 23.62 -5.27
C GLY B 70 14.50 24.92 -5.19
N GLU B 71 14.88 25.48 -6.34
CA GLU B 71 15.42 26.84 -6.36
C GLU B 71 14.33 27.91 -6.43
N ARG B 72 13.12 27.54 -6.83
CA ARG B 72 12.06 28.52 -7.02
C ARG B 72 11.54 29.03 -5.68
N GLN B 73 11.22 30.32 -5.65
CA GLN B 73 10.62 30.93 -4.46
C GLN B 73 9.52 31.89 -4.91
N LEU B 74 8.29 31.66 -4.45
CA LEU B 74 7.11 32.40 -4.90
C LEU B 74 6.48 33.16 -3.74
N SER B 75 6.29 34.47 -3.93
CA SER B 75 5.56 35.25 -2.95
C SER B 75 4.06 35.02 -3.07
N TYR B 76 3.33 35.46 -2.04
CA TYR B 76 1.87 35.43 -2.11
C TYR B 76 1.35 36.08 -3.38
N ILE B 77 1.86 37.27 -3.71
CA ILE B 77 1.31 37.99 -4.87
C ILE B 77 1.74 37.31 -6.16
N GLU B 78 2.97 36.81 -6.25
CA GLU B 78 3.37 35.98 -7.38
C GLU B 78 2.40 34.81 -7.57
N LEU B 79 2.16 34.03 -6.51
CA LEU B 79 1.24 32.90 -6.61
C LEU B 79 -0.15 33.35 -7.06
N ASP B 80 -0.60 34.49 -6.56
CA ASP B 80 -1.91 35.01 -6.92
C ASP B 80 -1.98 35.39 -8.40
N ARG B 81 -0.96 36.10 -8.87
CA ARG B 81 -0.92 36.49 -10.27
C ARG B 81 -0.84 35.28 -11.20
N LEU B 82 0.00 34.29 -10.88
CA LEU B 82 0.20 33.13 -11.75
C LEU B 82 -1.03 32.23 -11.80
N SER B 83 -1.69 32.00 -10.66
CA SER B 83 -2.94 31.25 -10.70
C SER B 83 -4.02 32.02 -11.47
N THR B 84 -4.02 33.36 -11.37
CA THR B 84 -4.96 34.14 -12.17
C THR B 84 -4.66 33.99 -13.65
N ASN B 85 -3.37 34.03 -14.01
CA ASN B 85 -3.00 33.89 -15.42
C ASN B 85 -3.60 32.62 -16.01
N LEU B 86 -3.34 31.48 -15.37
CA LEU B 86 -3.89 30.22 -15.87
C LEU B 86 -5.41 30.28 -15.95
N ALA B 87 -6.07 30.78 -14.90
CA ALA B 87 -7.53 30.88 -14.90
C ALA B 87 -8.03 31.66 -16.11
N THR B 88 -7.44 32.84 -16.38
CA THR B 88 -7.93 33.58 -17.54
C THR B 88 -7.74 32.77 -18.81
N ARG B 89 -6.72 31.92 -18.87
CA ARG B 89 -6.53 31.19 -20.12
C ARG B 89 -7.50 30.03 -20.24
N LEU B 90 -7.89 29.42 -19.12
CA LEU B 90 -8.91 28.39 -19.19
C LEU B 90 -10.25 28.99 -19.54
N ALA B 91 -10.56 30.13 -18.91
CA ALA B 91 -11.78 30.87 -19.23
C ALA B 91 -11.83 31.23 -20.72
N GLU B 92 -10.73 31.76 -21.25
CA GLU B 92 -10.68 32.09 -22.67
C GLU B 92 -11.12 30.91 -23.54
N LYS B 93 -10.82 29.67 -23.10
CA LYS B 93 -11.12 28.46 -23.85
C LYS B 93 -12.47 27.83 -23.47
N GLY B 94 -13.33 28.54 -22.74
CA GLY B 94 -14.68 28.05 -22.47
C GLY B 94 -14.80 27.06 -21.34
N LEU B 95 -13.79 26.96 -20.49
CA LEU B 95 -13.84 26.07 -19.33
C LEU B 95 -14.28 26.88 -18.12
N GLY B 96 -15.31 26.39 -17.43
CA GLY B 96 -15.82 27.09 -16.27
C GLY B 96 -16.75 26.25 -15.43
N LYS B 97 -17.76 26.91 -14.86
CA LYS B 97 -18.65 26.22 -13.93
C LYS B 97 -19.40 25.12 -14.66
N GLY B 98 -19.45 23.94 -14.01
CA GLY B 98 -20.02 22.73 -14.57
C GLY B 98 -19.01 21.85 -15.25
N ASP B 99 -17.79 22.34 -15.44
CA ASP B 99 -16.70 21.58 -16.01
C ASP B 99 -15.78 21.03 -14.93
N THR B 100 -15.07 19.96 -15.29
CA THR B 100 -14.15 19.29 -14.40
C THR B 100 -12.78 19.17 -15.05
N ALA B 101 -11.78 18.91 -14.20
CA ALA B 101 -10.40 18.82 -14.62
C ALA B 101 -9.75 17.69 -13.85
N LEU B 102 -8.84 16.97 -14.51
CA LEU B 102 -8.02 15.94 -13.89
C LEU B 102 -6.58 16.41 -13.88
N VAL B 103 -5.96 16.47 -12.69
CA VAL B 103 -4.61 16.98 -12.53
C VAL B 103 -3.73 15.91 -11.88
N GLN B 104 -2.57 15.65 -12.47
CA GLN B 104 -1.60 14.71 -11.91
C GLN B 104 -0.23 15.39 -11.92
N LEU B 105 0.18 15.91 -10.78
CA LEU B 105 1.43 16.65 -10.74
C LEU B 105 2.26 16.20 -9.55
N PRO B 106 3.57 16.24 -9.68
CA PRO B 106 4.44 15.93 -8.55
C PRO B 106 4.43 17.08 -7.55
N ASN B 107 5.15 16.88 -6.46
CA ASN B 107 5.28 17.90 -5.41
C ASN B 107 6.13 19.07 -5.91
N VAL B 108 5.51 19.94 -6.73
CA VAL B 108 6.17 21.12 -7.25
C VAL B 108 5.23 22.30 -7.14
N ALA B 109 5.80 23.51 -7.24
CA ALA B 109 5.02 24.73 -7.06
C ALA B 109 3.80 24.76 -7.96
N GLU B 110 3.94 24.29 -9.21
CA GLU B 110 2.81 24.35 -10.13
C GLU B 110 1.58 23.60 -9.62
N PHE B 111 1.75 22.64 -8.69
CA PHE B 111 0.57 21.98 -8.14
C PHE B 111 -0.36 23.01 -7.51
N TYR B 112 0.20 23.93 -6.72
CA TYR B 112 -0.60 24.93 -6.03
C TYR B 112 -1.09 26.02 -6.97
N ILE B 113 -0.28 26.36 -7.97
CA ILE B 113 -0.71 27.31 -8.98
C ILE B 113 -1.95 26.77 -9.70
N VAL B 114 -1.85 25.53 -10.22
CA VAL B 114 -3.00 24.92 -10.88
C VAL B 114 -4.20 24.83 -9.93
N PHE B 115 -3.96 24.46 -8.68
CA PHE B 115 -5.09 24.29 -7.75
C PHE B 115 -5.84 25.61 -7.57
N PHE B 116 -5.13 26.70 -7.31
CA PHE B 116 -5.83 27.96 -7.11
C PHE B 116 -6.40 28.51 -8.42
N ALA B 117 -5.76 28.21 -9.55
CA ALA B 117 -6.32 28.65 -10.83
C ALA B 117 -7.66 27.98 -11.09
N LEU B 118 -7.75 26.68 -10.80
CA LEU B 118 -8.99 25.97 -11.08
C LEU B 118 -10.08 26.40 -10.11
N LEU B 119 -9.73 26.62 -8.84
CA LEU B 119 -10.70 27.20 -7.91
C LEU B 119 -11.16 28.58 -8.38
N LYS B 120 -10.27 29.36 -8.99
CA LYS B 120 -10.64 30.69 -9.43
C LYS B 120 -11.54 30.63 -10.66
N ALA B 121 -11.27 29.69 -11.56
CA ALA B 121 -12.10 29.64 -12.76
C ALA B 121 -13.39 28.85 -12.57
N GLY B 122 -13.61 28.27 -11.39
CA GLY B 122 -14.83 27.51 -11.17
C GLY B 122 -14.84 26.15 -11.81
N VAL B 123 -13.67 25.53 -11.98
CA VAL B 123 -13.56 24.18 -12.53
C VAL B 123 -13.34 23.22 -11.37
N VAL B 124 -14.25 22.25 -11.21
CA VAL B 124 -14.11 21.27 -10.14
C VAL B 124 -12.98 20.31 -10.51
N VAL B 125 -11.93 20.26 -9.68
CA VAL B 125 -10.72 19.51 -10.02
C VAL B 125 -10.60 18.26 -9.15
N LEU B 126 -10.16 17.17 -9.75
CA LEU B 126 -9.69 15.98 -9.05
C LEU B 126 -8.17 15.91 -9.20
N ASN B 127 -7.46 15.92 -8.07
CA ASN B 127 -6.01 15.74 -8.06
C ASN B 127 -5.71 14.26 -7.89
N ALA B 128 -5.21 13.62 -8.94
CA ALA B 128 -4.75 12.23 -8.81
C ALA B 128 -3.41 12.20 -8.10
N LEU B 129 -3.12 11.08 -7.46
CA LEU B 129 -1.79 10.91 -6.89
C LEU B 129 -0.77 10.77 -8.02
N TYR B 130 0.40 11.39 -7.83
CA TYR B 130 1.46 11.20 -8.82
C TYR B 130 1.78 9.73 -9.03
N SER B 131 1.58 8.89 -8.00
CA SER B 131 1.86 7.46 -8.14
C SER B 131 0.74 6.68 -8.82
N HIS B 132 -0.41 7.29 -9.06
CA HIS B 132 -1.49 6.61 -9.76
C HIS B 132 -1.08 6.33 -11.21
N ARG B 133 -1.66 5.29 -11.79
CA ARG B 133 -1.34 4.99 -13.19
C ARG B 133 -2.57 4.87 -14.08
N GLN B 134 -2.39 4.31 -15.27
CA GLN B 134 -3.45 4.21 -16.27
C GLN B 134 -4.77 3.79 -15.66
N TYR B 135 -4.71 2.74 -14.84
CA TYR B 135 -5.94 2.14 -14.34
C TYR B 135 -6.76 3.15 -13.55
N GLU B 136 -6.13 3.83 -12.61
CA GLU B 136 -6.86 4.80 -11.83
C GLU B 136 -7.27 5.99 -12.67
N LEU B 137 -6.39 6.43 -13.58
CA LEU B 137 -6.70 7.63 -14.34
C LEU B 137 -7.87 7.37 -15.27
N ASN B 138 -7.87 6.21 -15.95
CA ASN B 138 -9.04 5.86 -16.76
C ASN B 138 -10.29 5.86 -15.89
N ALA B 139 -10.18 5.33 -14.67
CA ALA B 139 -11.33 5.32 -13.78
C ALA B 139 -11.81 6.74 -13.48
N PHE B 140 -10.90 7.66 -13.21
CA PHE B 140 -11.28 9.04 -12.92
C PHE B 140 -11.85 9.72 -14.17
N ILE B 141 -11.19 9.57 -15.30
CA ILE B 141 -11.67 10.24 -16.50
C ILE B 141 -13.06 9.75 -16.87
N LYS B 142 -13.33 8.47 -16.66
CA LYS B 142 -14.67 7.97 -16.91
C LYS B 142 -15.68 8.62 -15.95
N GLN B 143 -15.30 8.81 -14.69
CA GLN B 143 -16.28 9.24 -13.69
C GLN B 143 -16.64 10.72 -13.84
N ILE B 144 -15.68 11.58 -14.16
CA ILE B 144 -15.90 13.02 -14.16
C ILE B 144 -15.84 13.65 -15.56
N GLN B 145 -15.47 12.87 -16.58
CA GLN B 145 -15.49 13.33 -17.96
C GLN B 145 -14.87 14.72 -18.10
N PRO B 146 -13.62 14.89 -17.69
CA PRO B 146 -13.05 16.22 -17.56
C PRO B 146 -12.70 16.79 -18.93
N LYS B 147 -12.86 18.11 -19.06
CA LYS B 147 -12.49 18.83 -20.28
C LYS B 147 -11.06 19.33 -20.24
N LEU B 148 -10.45 19.35 -19.06
CA LEU B 148 -9.05 19.72 -18.90
C LEU B 148 -8.28 18.55 -18.28
N LEU B 149 -7.11 18.27 -18.84
CA LEU B 149 -6.21 17.25 -18.32
C LEU B 149 -4.82 17.86 -18.23
N ILE B 150 -4.25 17.87 -17.03
CA ILE B 150 -2.93 18.43 -16.78
C ILE B 150 -2.07 17.33 -16.18
N GLY B 151 -0.94 17.05 -16.82
CA GLY B 151 0.00 16.05 -16.33
C GLY B 151 1.44 16.41 -16.60
N SER B 152 2.35 15.43 -16.47
CA SER B 152 3.78 15.64 -16.63
C SER B 152 4.37 14.60 -17.57
N ARG B 153 5.28 15.04 -18.43
CA ARG B 153 5.89 14.13 -19.38
C ARG B 153 6.94 13.24 -18.72
N GLN B 154 7.38 13.58 -17.51
CA GLN B 154 8.25 12.68 -16.76
C GLN B 154 7.47 11.52 -16.16
N HIS B 155 6.14 11.60 -16.15
CA HIS B 155 5.31 10.52 -15.62
C HIS B 155 5.22 9.38 -16.63
N GLU B 156 5.19 8.16 -16.09
CA GLU B 156 5.19 6.95 -16.90
C GLU B 156 3.99 6.88 -17.85
N VAL B 157 2.81 7.29 -17.38
CA VAL B 157 1.61 7.24 -18.21
C VAL B 157 1.73 8.18 -19.41
N PHE B 158 2.54 9.23 -19.29
CA PHE B 158 2.70 10.21 -20.35
C PHE B 158 4.10 10.18 -20.96
N SER B 159 4.89 9.15 -20.66
CA SER B 159 6.17 9.03 -21.34
C SER B 159 5.99 8.89 -22.85
N ASN B 160 4.82 8.46 -23.30
CA ASN B 160 4.45 8.46 -24.71
C ASN B 160 3.00 8.90 -24.78
N ASN B 161 2.34 8.57 -25.90
CA ASN B 161 1.00 9.07 -26.19
C ASN B 161 -0.05 7.95 -26.25
N GLN B 162 0.27 6.77 -25.71
CA GLN B 162 -0.68 5.68 -25.80
C GLN B 162 -1.93 5.94 -24.95
N PHE B 163 -1.73 6.35 -23.70
CA PHE B 163 -2.87 6.60 -22.83
C PHE B 163 -3.72 7.73 -23.38
N ILE B 164 -3.09 8.87 -23.70
CA ILE B 164 -3.84 10.02 -24.20
C ILE B 164 -4.64 9.63 -25.44
N ASP B 165 -4.01 8.89 -26.37
CA ASP B 165 -4.70 8.49 -27.59
C ASP B 165 -5.84 7.52 -27.32
N SER B 166 -5.65 6.59 -26.38
CA SER B 166 -6.71 5.65 -26.05
C SER B 166 -8.01 6.37 -25.65
N LEU B 167 -7.92 7.63 -25.22
CA LEU B 167 -9.13 8.32 -24.78
C LEU B 167 -10.01 8.72 -25.95
N HIS B 168 -9.41 9.10 -27.09
CA HIS B 168 -10.20 9.46 -28.25
CA HIS B 168 -10.20 9.46 -28.25
C HIS B 168 -11.09 8.31 -28.70
N ASP B 169 -10.58 7.07 -28.58
CA ASP B 169 -11.37 5.90 -28.97
C ASP B 169 -12.66 5.82 -28.16
N VAL B 170 -12.55 6.01 -26.85
CA VAL B 170 -13.72 5.90 -25.97
C VAL B 170 -14.52 7.18 -25.87
N ASN B 171 -14.18 8.22 -26.65
CA ASN B 171 -14.90 9.49 -26.61
C ASN B 171 -14.81 10.13 -25.22
N LEU B 172 -13.64 10.08 -24.61
CA LEU B 172 -13.37 10.75 -23.33
C LEU B 172 -12.20 11.70 -23.45
N SER B 173 -11.94 12.16 -24.66
CA SER B 173 -10.85 13.07 -24.93
C SER B 173 -11.12 14.43 -24.30
N PRO B 174 -10.24 14.94 -23.44
CA PRO B 174 -10.43 16.30 -22.91
C PRO B 174 -10.25 17.34 -24.01
N GLU B 175 -10.67 18.57 -23.73
CA GLU B 175 -10.49 19.60 -24.74
C GLU B 175 -9.08 20.17 -24.70
N ILE B 176 -8.47 20.24 -23.51
CA ILE B 176 -7.17 20.84 -23.31
C ILE B 176 -6.28 19.90 -22.51
N ILE B 177 -5.04 19.72 -22.96
CA ILE B 177 -4.04 18.95 -22.25
C ILE B 177 -2.83 19.86 -22.07
N LEU B 178 -2.51 20.20 -20.83
CA LEU B 178 -1.32 20.93 -20.47
C LEU B 178 -0.30 19.98 -19.86
N MET B 179 0.94 20.06 -20.30
CA MET B 179 1.96 19.10 -19.94
C MET B 179 3.11 19.83 -19.25
N LEU B 180 3.37 19.45 -18.00
CA LEU B 180 4.64 19.79 -17.38
C LEU B 180 5.76 19.07 -18.10
N ASN B 181 6.94 19.68 -18.12
CA ASN B 181 8.07 19.12 -18.87
C ASN B 181 7.62 18.77 -20.28
N HIS B 182 6.92 19.73 -20.89
CA HIS B 182 6.34 19.55 -22.22
C HIS B 182 7.43 19.24 -23.25
N GLN B 183 7.08 18.38 -24.19
CA GLN B 183 7.98 18.03 -25.29
C GLN B 183 7.33 18.46 -26.60
N ALA B 184 8.07 18.25 -27.69
CA ALA B 184 7.65 18.52 -29.06
C ALA B 184 6.42 19.41 -29.15
N THR B 185 5.24 18.79 -29.27
CA THR B 185 4.03 19.57 -29.53
C THR B 185 3.08 19.50 -28.35
N ASP B 186 3.60 19.67 -27.15
CA ASP B 186 2.74 19.80 -25.99
C ASP B 186 2.48 21.28 -25.72
N PHE B 187 1.24 21.57 -25.30
CA PHE B 187 0.93 22.83 -24.64
C PHE B 187 1.67 22.88 -23.31
N GLY B 188 2.66 23.77 -23.20
CA GLY B 188 3.45 23.84 -21.99
C GLY B 188 2.64 24.39 -20.82
N LEU B 189 2.52 23.61 -19.75
CA LEU B 189 1.77 24.07 -18.58
C LEU B 189 2.31 25.40 -18.10
N LEU B 190 3.64 25.50 -17.94
CA LEU B 190 4.23 26.73 -17.46
C LEU B 190 3.91 27.87 -18.40
N ASP B 191 3.71 27.57 -19.68
CA ASP B 191 3.44 28.59 -20.68
C ASP B 191 2.08 29.23 -20.45
N TRP B 192 1.09 28.44 -20.02
CA TRP B 192 -0.22 28.98 -19.69
C TRP B 192 -0.27 29.61 -18.31
N ILE B 193 0.83 29.56 -17.56
CA ILE B 193 0.91 30.18 -16.25
C ILE B 193 1.70 31.48 -16.38
N GLU B 194 2.59 31.56 -17.37
CA GLU B 194 3.48 32.71 -17.47
C GLU B 194 2.66 33.97 -17.71
N THR B 195 1.76 33.93 -18.68
CA THR B 195 1.07 35.14 -19.12
C THR B 195 -0.42 34.90 -19.22
N PRO B 196 -1.23 35.93 -18.98
CA PRO B 196 -2.68 35.79 -19.05
C PRO B 196 -3.18 35.85 -20.49
N ALA B 197 -4.46 35.54 -20.65
CA ALA B 197 -5.09 35.49 -21.96
C ALA B 197 -5.20 36.88 -22.58
N GLU B 198 -5.41 36.90 -23.90
CA GLU B 198 -5.51 38.16 -24.63
C GLU B 198 -6.87 38.82 -24.45
N THR B 199 -7.94 38.03 -24.54
CA THR B 199 -9.32 38.51 -24.47
C THR B 199 -9.90 38.19 -23.09
N PHE B 200 -10.47 39.20 -22.43
CA PHE B 200 -11.05 38.99 -21.11
C PHE B 200 -12.39 38.29 -21.24
N VAL B 201 -12.55 37.22 -20.47
CA VAL B 201 -13.82 36.51 -20.30
C VAL B 201 -14.07 36.39 -18.81
N ASP B 202 -15.33 36.59 -18.40
CA ASP B 202 -15.60 36.58 -16.97
C ASP B 202 -15.57 35.15 -16.43
N PHE B 203 -15.24 35.04 -15.16
CA PHE B 203 -15.20 33.74 -14.50
C PHE B 203 -15.28 33.98 -12.99
N SER B 204 -15.64 32.92 -12.27
CA SER B 204 -15.68 32.97 -10.81
C SER B 204 -15.71 31.56 -10.25
N SER B 205 -15.32 31.44 -8.98
CA SER B 205 -15.42 30.16 -8.28
C SER B 205 -16.86 29.67 -8.27
N THR B 206 -17.01 28.35 -8.11
CA THR B 206 -18.32 27.82 -7.81
C THR B 206 -18.79 28.43 -6.48
N PRO B 207 -20.10 28.45 -6.22
CA PRO B 207 -20.59 29.07 -4.97
C PRO B 207 -20.08 28.33 -3.73
N ALA B 208 -19.95 29.07 -2.63
CA ALA B 208 -19.21 28.58 -1.47
C ALA B 208 -19.82 27.31 -0.88
N ASP B 209 -21.13 27.09 -1.05
CA ASP B 209 -21.76 25.86 -0.58
C ASP B 209 -22.00 24.86 -1.71
N GLU B 210 -21.26 24.96 -2.81
CA GLU B 210 -21.27 23.99 -3.91
C GLU B 210 -19.89 23.35 -4.01
N VAL B 211 -19.75 22.36 -4.90
CA VAL B 211 -18.51 21.57 -4.94
C VAL B 211 -17.35 22.43 -5.41
N ALA B 212 -16.24 22.37 -4.69
CA ALA B 212 -15.00 23.01 -5.12
C ALA B 212 -14.05 22.03 -5.79
N PHE B 213 -13.83 20.86 -5.17
CA PHE B 213 -12.99 19.85 -5.81
C PHE B 213 -13.34 18.48 -5.24
N PHE B 214 -12.75 17.45 -5.84
CA PHE B 214 -12.91 16.10 -5.36
C PHE B 214 -11.68 15.68 -4.55
N GLN B 215 -11.92 15.23 -3.32
CA GLN B 215 -10.93 14.45 -2.58
C GLN B 215 -11.07 12.98 -2.99
N LEU B 216 -10.12 12.16 -2.54
CA LEU B 216 -10.14 10.72 -2.82
C LEU B 216 -10.16 9.93 -1.52
N SER B 217 -10.91 8.84 -1.50
CA SER B 217 -10.95 8.00 -0.32
C SER B 217 -9.64 7.21 -0.17
N GLY B 218 -9.38 6.79 1.07
CA GLY B 218 -8.26 5.91 1.38
C GLY B 218 -8.71 4.51 1.78
N GLY B 219 -7.92 3.52 1.38
CA GLY B 219 -8.28 2.13 1.69
C GLY B 219 -9.68 1.72 1.27
N SER B 220 -10.10 2.10 0.06
CA SER B 220 -11.30 1.55 -0.53
C SER B 220 -10.95 0.25 -1.27
N THR B 221 -11.98 -0.59 -1.47
CA THR B 221 -11.86 -1.75 -2.35
C THR B 221 -12.03 -1.28 -3.79
N GLY B 222 -10.98 -1.45 -4.59
CA GLY B 222 -10.98 -0.89 -5.94
C GLY B 222 -10.36 0.51 -5.99
N THR B 223 -10.65 1.21 -7.10
CA THR B 223 -10.15 2.57 -7.29
C THR B 223 -10.70 3.50 -6.21
N PRO B 224 -9.92 4.49 -5.77
CA PRO B 224 -10.41 5.44 -4.76
C PRO B 224 -11.70 6.14 -5.18
N LYS B 225 -12.67 6.16 -4.26
CA LYS B 225 -13.92 6.85 -4.49
C LYS B 225 -13.75 8.37 -4.43
N LEU B 226 -14.61 9.08 -5.16
CA LEU B 226 -14.58 10.53 -5.23
C LEU B 226 -15.41 11.18 -4.11
N ILE B 227 -14.83 12.18 -3.45
CA ILE B 227 -15.42 12.83 -2.28
C ILE B 227 -15.62 14.30 -2.59
N PRO B 228 -16.86 14.73 -2.89
CA PRO B 228 -17.08 16.16 -3.13
C PRO B 228 -16.80 16.94 -1.86
N ARG B 229 -16.06 18.03 -1.98
CA ARG B 229 -15.77 18.90 -0.85
C ARG B 229 -16.18 20.30 -1.26
N THR B 230 -16.96 20.98 -0.43
CA THR B 230 -17.37 22.34 -0.77
C THR B 230 -16.32 23.33 -0.28
N HIS B 231 -16.40 24.55 -0.80
CA HIS B 231 -15.56 25.63 -0.28
C HIS B 231 -15.78 25.82 1.22
N ASN B 232 -17.05 25.91 1.63
CA ASN B 232 -17.38 26.16 3.03
C ASN B 232 -16.69 25.15 3.94
N ASP B 233 -16.88 23.86 3.66
CA ASP B 233 -16.47 22.85 4.63
C ASP B 233 -14.95 22.68 4.60
N TYR B 234 -14.36 22.79 3.41
CA TYR B 234 -12.91 22.59 3.34
C TYR B 234 -12.18 23.77 3.96
N ASP B 235 -12.58 24.99 3.60
CA ASP B 235 -11.95 26.18 4.19
C ASP B 235 -12.09 26.19 5.71
N TYR B 236 -13.24 25.74 6.23
CA TYR B 236 -13.39 25.68 7.68
C TYR B 236 -12.39 24.71 8.31
N SER B 237 -12.28 23.49 7.77
CA SER B 237 -11.30 22.56 8.32
C SER B 237 -9.88 23.12 8.21
N VAL B 238 -9.58 23.85 7.14
CA VAL B 238 -8.27 24.50 7.04
C VAL B 238 -8.08 25.53 8.15
N ARG B 239 -9.03 26.46 8.30
CA ARG B 239 -8.88 27.53 9.29
C ARG B 239 -8.82 26.97 10.70
N ALA B 240 -9.68 26.01 11.02
CA ALA B 240 -9.69 25.47 12.37
C ALA B 240 -8.42 24.64 12.62
N SER B 241 -8.00 23.84 11.63
CA SER B 241 -6.74 23.08 11.76
C SER B 241 -5.58 24.02 12.02
N ALA B 242 -5.56 25.15 11.31
CA ALA B 242 -4.40 26.02 11.44
C ALA B 242 -4.30 26.62 12.83
N GLU B 243 -5.43 26.89 13.49
CA GLU B 243 -5.31 27.43 14.84
C GLU B 243 -4.87 26.33 15.80
N ILE B 244 -5.44 25.13 15.65
CA ILE B 244 -5.15 24.04 16.58
C ILE B 244 -3.67 23.66 16.54
N CYS B 245 -3.04 23.71 15.36
CA CYS B 245 -1.62 23.40 15.21
C CYS B 245 -0.71 24.61 15.43
N GLY B 246 -1.28 25.76 15.75
CA GLY B 246 -0.46 26.91 16.09
C GLY B 246 0.22 27.61 14.93
N LEU B 247 -0.16 27.32 13.69
CA LEU B 247 0.49 27.94 12.55
C LEU B 247 0.51 29.47 12.68
N ASN B 248 1.55 30.08 12.14
CA ASN B 248 1.59 31.53 12.09
C ASN B 248 2.44 31.94 10.90
N SER B 249 2.69 33.25 10.77
CA SER B 249 3.37 33.74 9.58
C SER B 249 4.83 33.32 9.52
N ASN B 250 5.43 32.85 10.63
CA ASN B 250 6.80 32.36 10.61
C ASN B 250 6.88 30.85 10.45
N THR B 251 5.76 30.19 10.18
CA THR B 251 5.75 28.76 9.97
C THR B 251 6.29 28.44 8.58
N ARG B 252 7.21 27.47 8.53
CA ARG B 252 7.72 26.92 7.28
C ARG B 252 7.43 25.43 7.30
N LEU B 253 6.49 25.00 6.46
CA LEU B 253 5.93 23.67 6.52
C LEU B 253 6.49 22.83 5.39
N LEU B 254 7.28 21.81 5.74
CA LEU B 254 7.74 20.84 4.76
C LEU B 254 6.54 20.08 4.22
N CYS B 255 6.41 20.02 2.91
CA CYS B 255 5.37 19.24 2.22
CA CYS B 255 5.38 19.24 2.24
C CYS B 255 6.05 18.08 1.52
N ALA B 256 6.29 16.99 2.25
CA ALA B 256 6.96 15.80 1.71
C ALA B 256 6.02 14.65 1.40
N LEU B 257 4.86 14.59 2.04
CA LEU B 257 3.82 13.67 1.62
C LEU B 257 3.25 14.12 0.28
N PRO B 258 2.49 13.27 -0.42
CA PRO B 258 1.85 13.71 -1.67
C PRO B 258 1.00 14.97 -1.52
N ALA B 259 1.31 16.03 -2.29
CA ALA B 259 0.58 17.29 -2.16
C ALA B 259 -0.95 17.16 -2.26
N PRO B 260 -1.52 16.32 -3.13
CA PRO B 260 -3.00 16.20 -3.15
C PRO B 260 -3.58 15.62 -1.87
N HIS B 261 -2.79 14.93 -1.05
CA HIS B 261 -3.37 14.14 0.03
C HIS B 261 -4.03 15.03 1.08
N ASN B 262 -5.19 14.58 1.60
CA ASN B 262 -5.96 15.46 2.48
C ASN B 262 -5.15 15.89 3.69
N PHE B 263 -4.36 14.96 4.26
CA PHE B 263 -3.45 15.28 5.37
C PHE B 263 -2.52 16.43 5.01
N MET B 264 -1.90 16.36 3.84
CA MET B 264 -0.86 17.31 3.48
C MET B 264 -1.41 18.58 2.81
N LEU B 265 -2.68 18.55 2.40
CA LEU B 265 -3.32 19.73 1.85
C LEU B 265 -4.01 20.59 2.90
N SER B 266 -4.55 19.98 3.96
CA SER B 266 -5.49 20.72 4.80
C SER B 266 -5.46 20.40 6.28
N SER B 267 -4.55 19.55 6.78
CA SER B 267 -4.61 19.09 8.16
C SER B 267 -3.25 19.18 8.85
N PRO B 268 -2.69 20.38 8.97
CA PRO B 268 -3.20 21.66 8.47
C PRO B 268 -2.74 21.92 7.04
N GLY B 269 -1.69 21.20 6.59
CA GLY B 269 -1.26 21.17 5.21
C GLY B 269 -0.83 22.50 4.60
N ALA B 270 -0.59 22.47 3.29
CA ALA B 270 -0.25 23.70 2.60
C ALA B 270 -1.34 24.76 2.72
N LEU B 271 -2.61 24.37 2.60
CA LEU B 271 -3.67 25.39 2.69
C LEU B 271 -3.65 26.08 4.06
N GLY B 272 -3.48 25.30 5.14
CA GLY B 272 -3.46 25.91 6.46
C GLY B 272 -2.27 26.83 6.66
N VAL B 273 -1.14 26.49 6.05
CA VAL B 273 0.05 27.33 6.17
C VAL B 273 -0.16 28.63 5.40
N LEU B 274 -0.76 28.54 4.21
CA LEU B 274 -1.10 29.75 3.48
C LEU B 274 -2.14 30.57 4.24
N HIS B 275 -3.13 29.90 4.85
CA HIS B 275 -4.10 30.62 5.66
C HIS B 275 -3.43 31.46 6.73
N ALA B 276 -2.31 30.99 7.27
CA ALA B 276 -1.60 31.66 8.36
C ALA B 276 -0.51 32.60 7.88
N GLY B 277 -0.37 32.80 6.56
CA GLY B 277 0.66 33.66 6.04
C GLY B 277 2.05 33.10 6.11
N GLY B 278 2.19 31.79 6.38
CA GLY B 278 3.48 31.13 6.45
C GLY B 278 3.95 30.70 5.07
N CYS B 279 4.84 29.70 5.06
CA CYS B 279 5.46 29.28 3.80
C CYS B 279 5.48 27.76 3.68
N VAL B 280 5.13 27.29 2.50
CA VAL B 280 5.17 25.88 2.16
C VAL B 280 6.53 25.58 1.51
N VAL B 281 7.22 24.54 1.97
CA VAL B 281 8.52 24.14 1.43
C VAL B 281 8.40 22.75 0.83
N MET B 282 8.64 22.64 -0.48
CA MET B 282 8.39 21.42 -1.23
C MET B 282 9.51 20.40 -1.04
N ALA B 283 9.15 19.11 -1.12
CA ALA B 283 10.13 18.02 -1.21
C ALA B 283 9.53 16.95 -2.11
N PRO B 284 10.34 16.27 -2.90
CA PRO B 284 9.80 15.19 -3.75
C PRO B 284 9.10 14.10 -2.95
N ASN B 285 9.67 13.70 -1.81
CA ASN B 285 9.11 12.64 -0.97
C ASN B 285 9.75 12.68 0.40
N PRO B 286 9.37 11.80 1.33
CA PRO B 286 9.95 11.88 2.68
C PRO B 286 11.31 11.19 2.81
N GLU B 287 11.97 10.88 1.69
CA GLU B 287 13.29 10.25 1.76
C GLU B 287 14.20 11.04 2.72
N PRO B 288 14.63 10.45 3.85
CA PRO B 288 15.33 11.25 4.86
C PRO B 288 16.39 12.18 4.30
N LEU B 289 17.25 11.69 3.42
CA LEU B 289 18.44 12.47 3.12
C LEU B 289 18.09 13.73 2.33
N ASN B 290 17.26 13.59 1.30
CA ASN B 290 16.81 14.80 0.62
C ASN B 290 16.07 15.74 1.59
N CYS B 291 15.06 15.21 2.29
CA CYS B 291 14.32 16.02 3.26
C CYS B 291 15.23 16.75 4.25
N PHE B 292 16.18 16.04 4.82
CA PHE B 292 17.04 16.64 5.83
C PHE B 292 17.75 17.87 5.30
N SER B 293 18.22 17.80 4.05
CA SER B 293 18.92 18.92 3.46
C SER B 293 17.96 20.07 3.14
N ILE B 294 16.77 19.75 2.64
CA ILE B 294 15.77 20.78 2.41
C ILE B 294 15.40 21.46 3.72
N ILE B 295 15.30 20.68 4.79
CA ILE B 295 14.92 21.23 6.08
C ILE B 295 15.96 22.22 6.57
N GLN B 296 17.23 21.87 6.40
CA GLN B 296 18.30 22.74 6.87
C GLN B 296 18.40 24.00 6.00
N ARG B 297 18.32 23.82 4.68
CA ARG B 297 18.57 24.93 3.77
C ARG B 297 17.58 26.09 3.98
N HIS B 298 16.30 25.78 4.24
CA HIS B 298 15.30 26.84 4.40
C HIS B 298 14.74 26.92 5.83
N GLN B 299 15.50 26.49 6.82
CA GLN B 299 15.10 26.45 8.23
C GLN B 299 13.61 26.09 8.40
N VAL B 300 13.24 24.94 7.83
CA VAL B 300 11.90 24.39 8.02
C VAL B 300 11.65 24.12 9.51
N ASN B 301 10.49 24.53 10.00
CA ASN B 301 10.16 24.35 11.41
C ASN B 301 8.93 23.49 11.64
N MET B 302 8.31 22.96 10.58
CA MET B 302 7.18 22.06 10.75
C MET B 302 7.13 21.05 9.62
N ALA B 303 6.71 19.82 9.96
CA ALA B 303 6.60 18.74 8.99
C ALA B 303 5.38 17.91 9.37
N SER B 304 4.85 17.18 8.38
CA SER B 304 3.74 16.25 8.58
C SER B 304 4.09 14.94 7.87
N LEU B 305 3.99 13.82 8.59
CA LEU B 305 4.46 12.53 8.08
C LEU B 305 3.52 11.41 8.52
N VAL B 306 3.58 10.30 7.79
CA VAL B 306 2.94 9.05 8.20
C VAL B 306 3.94 8.24 8.99
N PRO B 307 3.49 7.26 9.80
CA PRO B 307 4.44 6.52 10.66
C PRO B 307 5.59 5.88 9.91
N SER B 308 5.39 5.35 8.71
CA SER B 308 6.49 4.74 7.96
C SER B 308 7.60 5.75 7.65
N ALA B 309 7.22 6.99 7.34
CA ALA B 309 8.21 8.03 7.09
C ALA B 309 8.93 8.44 8.37
N VAL B 310 8.18 8.63 9.46
CA VAL B 310 8.82 8.87 10.75
C VAL B 310 9.92 7.84 10.99
N ILE B 311 9.68 6.59 10.60
CA ILE B 311 10.64 5.54 10.92
C ILE B 311 11.93 5.72 10.14
N MET B 312 11.83 5.97 8.83
CA MET B 312 13.05 6.29 8.07
C MET B 312 13.81 7.45 8.72
N TRP B 313 13.10 8.53 9.02
CA TRP B 313 13.76 9.69 9.61
C TRP B 313 14.44 9.31 10.92
N LEU B 314 13.75 8.56 11.77
CA LEU B 314 14.36 8.16 13.02
C LEU B 314 15.61 7.32 12.79
N GLU B 315 15.71 6.65 11.63
CA GLU B 315 16.87 5.80 11.40
C GLU B 315 18.09 6.62 11.01
N LYS B 316 17.90 7.78 10.39
CA LYS B 316 19.04 8.61 10.01
C LYS B 316 19.27 9.76 10.95
N ALA B 317 18.32 10.08 11.82
CA ALA B 317 18.38 11.33 12.58
C ALA B 317 19.64 11.43 13.43
N ALA B 318 20.26 10.30 13.75
CA ALA B 318 21.44 10.33 14.59
C ALA B 318 22.59 11.01 13.88
N GLN B 319 22.96 10.51 12.69
CA GLN B 319 24.07 11.10 11.96
C GLN B 319 23.80 12.54 11.48
N TYR B 320 22.53 13.02 11.52
CA TYR B 320 22.17 14.29 10.91
C TYR B 320 21.34 15.19 11.83
N LYS B 321 21.56 15.14 13.14
CA LYS B 321 20.79 15.99 14.05
C LYS B 321 20.81 17.44 13.59
N ASP B 322 21.97 17.91 13.12
CA ASP B 322 22.13 19.34 12.85
C ASP B 322 21.27 19.80 11.69
N GLN B 323 21.00 18.92 10.71
CA GLN B 323 20.19 19.33 9.55
C GLN B 323 18.73 19.49 9.89
N ILE B 324 18.24 18.82 10.94
CA ILE B 324 16.82 18.92 11.30
C ILE B 324 16.64 19.66 12.63
N GLN B 325 17.64 20.41 13.07
CA GLN B 325 17.49 21.09 14.35
C GLN B 325 16.38 22.14 14.30
N SER B 326 16.09 22.71 13.12
CA SER B 326 15.09 23.79 13.10
C SER B 326 13.68 23.26 13.29
N LEU B 327 13.47 21.96 13.12
CA LEU B 327 12.14 21.39 13.29
C LEU B 327 11.61 21.71 14.67
N LYS B 328 10.37 22.21 14.73
CA LYS B 328 9.74 22.47 16.02
C LYS B 328 8.49 21.64 16.27
N LEU B 329 7.81 21.17 15.23
CA LEU B 329 6.58 20.43 15.42
C LEU B 329 6.42 19.43 14.29
N LEU B 330 6.25 18.15 14.65
CA LEU B 330 5.95 17.10 13.69
C LEU B 330 4.52 16.61 13.91
N GLN B 331 3.67 16.72 12.88
CA GLN B 331 2.40 16.00 12.90
C GLN B 331 2.60 14.58 12.41
N VAL B 332 1.91 13.64 13.03
CA VAL B 332 2.01 12.23 12.66
C VAL B 332 0.62 11.64 12.61
N GLY B 333 0.29 10.98 11.51
CA GLY B 333 -0.87 10.11 11.50
C GLY B 333 -0.98 9.39 10.18
N GLY B 334 -2.04 8.59 10.08
CA GLY B 334 -2.34 7.84 8.87
C GLY B 334 -2.20 6.35 9.02
N ALA B 335 -1.68 5.87 10.16
CA ALA B 335 -1.38 4.46 10.37
C ALA B 335 -1.12 4.28 11.86
N SER B 336 -0.92 3.03 12.25
CA SER B 336 -0.56 2.73 13.63
C SER B 336 0.71 3.46 14.02
N PHE B 337 0.70 4.08 15.20
CA PHE B 337 1.84 4.83 15.72
C PHE B 337 1.97 4.57 17.21
N PRO B 338 2.63 3.48 17.60
CA PRO B 338 2.62 3.09 19.01
C PRO B 338 3.42 4.05 19.90
N GLU B 339 3.10 4.00 21.19
CA GLU B 339 3.71 4.87 22.20
C GLU B 339 5.24 4.80 22.14
N SER B 340 5.79 3.58 22.17
CA SER B 340 7.25 3.51 22.20
C SER B 340 7.85 4.20 21.00
N LEU B 341 7.13 4.21 19.89
CA LEU B 341 7.64 4.89 18.72
C LEU B 341 7.42 6.40 18.82
N ALA B 342 6.26 6.80 19.38
CA ALA B 342 5.94 8.22 19.53
C ALA B 342 6.91 8.92 20.49
N ARG B 343 7.32 8.24 21.56
CA ARG B 343 8.21 8.86 22.53
C ARG B 343 9.60 9.13 21.98
N GLN B 344 9.90 8.66 20.77
CA GLN B 344 11.22 8.88 20.20
C GLN B 344 11.30 10.18 19.40
N VAL B 345 10.17 10.75 19.02
CA VAL B 345 10.12 11.99 18.24
C VAL B 345 10.87 13.10 18.99
N PRO B 346 10.46 13.52 20.19
CA PRO B 346 11.27 14.49 20.93
C PRO B 346 12.69 14.04 21.19
N GLU B 347 12.89 12.76 21.51
CA GLU B 347 14.21 12.33 21.94
C GLU B 347 15.20 12.33 20.80
N VAL B 348 14.75 11.95 19.60
CA VAL B 348 15.63 11.75 18.45
C VAL B 348 15.51 12.86 17.43
N LEU B 349 14.29 13.32 17.17
CA LEU B 349 14.05 14.41 16.22
C LEU B 349 14.14 15.79 16.86
N ASN B 350 14.19 15.88 18.18
CA ASN B 350 14.35 17.16 18.87
C ASN B 350 13.31 18.17 18.40
N CYS B 351 12.06 17.72 18.41
CA CYS B 351 10.92 18.57 18.10
C CYS B 351 9.71 17.98 18.80
N LYS B 352 8.72 18.82 19.06
CA LYS B 352 7.53 18.30 19.71
C LYS B 352 6.69 17.51 18.70
N LEU B 353 5.82 16.66 19.23
CA LEU B 353 4.99 15.79 18.42
C LEU B 353 3.52 16.21 18.55
N GLN B 354 2.80 16.07 17.46
CA GLN B 354 1.34 16.19 17.45
C GLN B 354 0.79 14.97 16.74
N GLN B 355 -0.10 14.25 17.40
CA GLN B 355 -0.72 13.09 16.78
C GLN B 355 -2.02 13.52 16.15
N ALA B 356 -2.40 12.83 15.08
CA ALA B 356 -3.62 13.17 14.36
C ALA B 356 -4.20 11.90 13.77
N PHE B 357 -5.49 11.97 13.47
CA PHE B 357 -6.23 10.85 12.91
C PHE B 357 -7.34 11.45 12.09
N GLY B 358 -7.22 11.39 10.76
CA GLY B 358 -8.14 12.04 9.88
C GLY B 358 -8.51 11.18 8.69
N MET B 359 -9.34 11.75 7.82
CA MET B 359 -9.85 10.98 6.69
C MET B 359 -10.31 11.98 5.63
N ALA B 360 -10.08 11.65 4.36
CA ALA B 360 -10.49 12.61 3.32
C ALA B 360 -12.01 12.81 3.30
N GLU B 361 -12.79 11.92 3.91
CA GLU B 361 -14.23 12.13 3.98
C GLU B 361 -14.60 13.26 4.93
N GLY B 362 -13.70 13.64 5.84
CA GLY B 362 -14.01 14.73 6.72
C GLY B 362 -13.29 14.74 8.05
N LEU B 363 -13.94 14.23 9.10
CA LEU B 363 -13.45 14.27 10.48
C LEU B 363 -11.93 14.22 10.59
N VAL B 364 -11.35 15.16 11.34
CA VAL B 364 -9.92 15.16 11.66
C VAL B 364 -9.79 15.40 13.15
N ASN B 365 -8.99 14.57 13.82
CA ASN B 365 -8.65 14.72 15.24
C ASN B 365 -7.17 15.03 15.37
N TYR B 366 -6.84 15.93 16.30
CA TYR B 366 -5.47 16.23 16.66
C TYR B 366 -5.33 16.22 18.17
N THR B 367 -4.15 15.85 18.65
CA THR B 367 -3.76 16.22 20.00
C THR B 367 -3.52 17.72 20.04
N ARG B 368 -3.78 18.33 21.19
CA ARG B 368 -3.57 19.76 21.32
C ARG B 368 -2.16 20.02 21.84
N LEU B 369 -1.63 21.20 21.53
CA LEU B 369 -0.27 21.53 21.93
C LEU B 369 -0.14 21.66 23.44
N ASP B 370 -1.21 21.93 24.16
CA ASP B 370 -1.15 21.96 25.62
C ASP B 370 -1.70 20.69 26.27
N ASP B 371 -1.91 19.64 25.50
CA ASP B 371 -2.34 18.36 26.04
C ASP B 371 -1.22 17.75 26.89
N SER B 372 -1.61 16.89 27.81
CA SER B 372 -0.65 16.21 28.67
C SER B 372 0.22 15.25 27.87
N ASP B 373 1.34 14.88 28.47
CA ASP B 373 2.30 14.04 27.76
C ASP B 373 1.74 12.64 27.50
N GLU B 374 0.90 12.13 28.41
CA GLU B 374 0.27 10.84 28.13
C GLU B 374 -0.68 10.94 26.95
N GLN B 375 -1.41 12.06 26.84
CA GLN B 375 -2.31 12.25 25.71
C GLN B 375 -1.54 12.26 24.40
N ILE B 376 -0.46 13.03 24.33
CA ILE B 376 0.22 13.19 23.06
C ILE B 376 0.88 11.88 22.62
N PHE B 377 1.37 11.09 23.57
CA PHE B 377 2.13 9.90 23.23
C PHE B 377 1.28 8.65 23.04
N THR B 378 0.03 8.65 23.51
CA THR B 378 -0.76 7.43 23.48
C THR B 378 -2.16 7.62 22.88
N THR B 379 -2.47 8.77 22.30
CA THR B 379 -3.76 8.96 21.65
C THR B 379 -3.58 9.75 20.37
N GLN B 380 -4.61 9.72 19.53
CA GLN B 380 -4.63 10.47 18.28
C GLN B 380 -5.50 11.73 18.41
N GLY B 381 -5.73 12.20 19.64
CA GLY B 381 -6.36 13.49 19.85
C GLY B 381 -7.88 13.49 19.76
N ARG B 382 -8.43 14.69 19.52
CA ARG B 382 -9.88 14.80 19.54
C ARG B 382 -10.35 15.70 18.40
N PRO B 383 -11.65 15.77 18.15
CA PRO B 383 -12.12 16.42 16.91
C PRO B 383 -11.81 17.91 16.82
N ILE B 384 -11.51 18.35 15.58
CA ILE B 384 -11.35 19.78 15.25
C ILE B 384 -12.47 20.62 15.83
N SER B 385 -13.71 20.17 15.67
CA SER B 385 -14.86 21.04 15.86
C SER B 385 -15.70 20.53 17.01
N SER B 386 -16.10 21.46 17.89
CA SER B 386 -17.07 21.11 18.92
C SER B 386 -18.36 20.57 18.33
N ASP B 387 -18.59 20.74 17.03
CA ASP B 387 -19.80 20.20 16.42
C ASP B 387 -19.52 18.95 15.62
N ASP B 388 -18.35 18.35 15.79
CA ASP B 388 -18.07 17.01 15.28
C ASP B 388 -18.79 16.00 16.16
N GLU B 389 -19.80 15.32 15.62
CA GLU B 389 -20.58 14.36 16.39
C GLU B 389 -20.00 12.96 16.18
N ILE B 390 -19.89 12.22 17.27
CA ILE B 390 -19.16 10.95 17.26
C ILE B 390 -20.01 9.90 17.95
N LYS B 391 -20.31 8.82 17.24
CA LYS B 391 -20.81 7.60 17.83
C LYS B 391 -19.76 6.50 17.71
N ILE B 392 -19.63 5.70 18.76
CA ILE B 392 -18.75 4.53 18.79
C ILE B 392 -19.62 3.33 19.09
N VAL B 393 -19.89 2.50 18.07
CA VAL B 393 -20.96 1.52 18.19
C VAL B 393 -20.44 0.10 17.96
N ASP B 394 -21.21 -0.86 18.52
CA ASP B 394 -20.92 -2.29 18.42
C ASP B 394 -21.52 -2.87 17.15
N GLU B 395 -21.44 -4.20 17.00
CA GLU B 395 -21.94 -4.87 15.82
C GLU B 395 -23.43 -4.64 15.61
N GLN B 396 -24.16 -4.39 16.69
CA GLN B 396 -25.58 -4.09 16.66
C GLN B 396 -25.87 -2.60 16.44
N TYR B 397 -24.84 -1.79 16.24
CA TYR B 397 -24.98 -0.34 16.11
C TYR B 397 -25.51 0.31 17.39
N ARG B 398 -25.35 -0.35 18.54
CA ARG B 398 -25.59 0.24 19.84
C ARG B 398 -24.29 0.82 20.39
N GLU B 399 -24.36 2.06 20.88
CA GLU B 399 -23.17 2.69 21.43
C GLU B 399 -22.54 1.84 22.53
N VAL B 400 -21.21 1.73 22.51
CA VAL B 400 -20.46 0.91 23.46
C VAL B 400 -20.38 1.63 24.80
N PRO B 401 -20.19 0.94 25.91
CA PRO B 401 -19.88 1.65 27.15
C PRO B 401 -18.59 2.45 27.00
N GLU B 402 -18.61 3.70 27.48
CA GLU B 402 -17.44 4.57 27.46
C GLU B 402 -16.16 3.79 27.69
N GLY B 403 -15.20 3.97 26.79
CA GLY B 403 -13.88 3.35 26.89
C GLY B 403 -13.75 2.05 26.11
N GLU B 404 -14.87 1.38 25.85
CA GLU B 404 -14.87 0.16 25.04
C GLU B 404 -14.61 0.48 23.56
N ILE B 405 -14.15 -0.53 22.84
CA ILE B 405 -13.82 -0.41 21.42
C ILE B 405 -15.07 -0.61 20.58
N GLY B 406 -15.22 0.21 19.54
CA GLY B 406 -16.35 0.15 18.63
C GLY B 406 -16.02 0.81 17.30
N MET B 407 -16.96 0.70 16.35
CA MET B 407 -16.79 1.36 15.06
C MET B 407 -17.12 2.85 15.15
N LEU B 408 -16.35 3.66 14.42
CA LEU B 408 -16.55 5.10 14.41
C LEU B 408 -17.69 5.47 13.46
N ALA B 409 -18.63 6.26 13.95
CA ALA B 409 -19.64 6.90 13.10
C ALA B 409 -19.60 8.39 13.40
N THR B 410 -19.63 9.22 12.35
CA THR B 410 -19.44 10.64 12.57
C THR B 410 -20.23 11.45 11.55
N ARG B 411 -20.53 12.70 11.94
CA ARG B 411 -21.07 13.73 11.07
C ARG B 411 -20.72 15.07 11.70
N GLY B 412 -20.46 16.06 10.86
CA GLY B 412 -20.04 17.34 11.34
C GLY B 412 -20.02 18.39 10.27
N PRO B 413 -19.53 19.59 10.59
CA PRO B 413 -19.61 20.71 9.64
C PRO B 413 -18.60 20.62 8.50
N TYR B 414 -17.78 19.54 8.43
CA TYR B 414 -16.92 19.35 7.27
C TYR B 414 -16.80 17.87 6.90
N THR B 415 -17.71 17.01 7.35
CA THR B 415 -17.77 15.64 6.92
C THR B 415 -18.83 15.47 5.83
N PHE B 416 -18.43 14.89 4.70
CA PHE B 416 -19.29 14.82 3.51
C PHE B 416 -20.55 14.00 3.79
N CYS B 417 -21.51 14.11 2.86
CA CYS B 417 -22.81 13.44 2.99
C CYS B 417 -23.02 12.35 1.95
N GLY B 418 -21.98 12.02 1.17
CA GLY B 418 -22.04 10.91 0.23
C GLY B 418 -20.98 11.00 -0.86
N TYR B 419 -20.50 9.85 -1.34
CA TYR B 419 -19.56 9.83 -2.44
C TYR B 419 -20.22 10.24 -3.76
N TYR B 420 -19.42 10.80 -4.67
CA TYR B 420 -19.94 11.27 -5.95
C TYR B 420 -20.63 10.14 -6.71
N GLN B 421 -21.89 10.36 -7.09
CA GLN B 421 -22.60 9.42 -7.96
C GLN B 421 -22.45 7.98 -7.50
N SER B 422 -22.55 7.75 -6.20
CA SER B 422 -22.46 6.41 -5.63
C SER B 422 -23.61 6.17 -4.65
N PRO B 423 -24.86 6.15 -5.15
CA PRO B 423 -25.98 6.01 -4.23
C PRO B 423 -26.02 4.66 -3.51
N GLU B 424 -25.73 3.54 -4.21
CA GLU B 424 -25.76 2.27 -3.49
C GLU B 424 -24.74 2.26 -2.36
N HIS B 425 -23.48 2.60 -2.65
CA HIS B 425 -22.48 2.57 -1.59
C HIS B 425 -22.82 3.55 -0.47
N ASN B 426 -23.33 4.74 -0.82
CA ASN B 426 -23.66 5.73 0.21
C ASN B 426 -24.68 5.17 1.19
N SER B 427 -25.68 4.43 0.69
CA SER B 427 -26.70 3.90 1.57
C SER B 427 -26.16 2.82 2.49
N GLN B 428 -25.00 2.22 2.15
CA GLN B 428 -24.39 1.20 3.00
C GLN B 428 -23.47 1.79 4.06
N VAL B 429 -22.88 2.97 3.87
CA VAL B 429 -21.94 3.51 4.86
C VAL B 429 -22.50 4.75 5.57
N PHE B 430 -23.76 5.12 5.33
CA PHE B 430 -24.44 6.19 6.04
C PHE B 430 -25.69 5.61 6.70
N ASP B 431 -26.04 6.09 7.89
CA ASP B 431 -27.25 5.62 8.53
C ASP B 431 -28.35 6.67 8.44
N GLU B 432 -29.51 6.32 9.02
CA GLU B 432 -30.69 7.17 8.85
C GLU B 432 -30.43 8.59 9.33
N ASP B 433 -29.57 8.75 10.33
CA ASP B 433 -29.25 10.06 10.88
C ASP B 433 -28.06 10.70 10.18
N ASN B 434 -27.57 10.10 9.10
CA ASN B 434 -26.52 10.68 8.26
C ASN B 434 -25.15 10.71 8.92
N TYR B 435 -24.94 9.89 9.95
CA TYR B 435 -23.57 9.59 10.35
C TYR B 435 -22.87 8.76 9.27
N TYR B 436 -21.62 9.09 8.99
CA TYR B 436 -20.77 8.30 8.11
C TYR B 436 -20.00 7.28 8.95
N TYR B 437 -19.97 6.03 8.50
CA TYR B 437 -19.25 4.93 9.20
C TYR B 437 -17.88 4.75 8.53
N SER B 438 -16.83 5.27 9.18
CA SER B 438 -15.52 5.35 8.53
C SER B 438 -14.84 4.00 8.39
N GLY B 439 -15.31 2.97 9.10
CA GLY B 439 -14.60 1.71 9.14
C GLY B 439 -13.47 1.65 10.14
N ASP B 440 -13.15 2.76 10.81
CA ASP B 440 -12.12 2.74 11.84
C ASP B 440 -12.68 2.26 13.18
N LEU B 441 -11.90 1.41 13.85
CA LEU B 441 -12.19 1.00 15.22
C LEU B 441 -11.44 1.89 16.20
N VAL B 442 -12.14 2.35 17.24
CA VAL B 442 -11.63 3.38 18.13
C VAL B 442 -12.18 3.15 19.54
N GLN B 443 -11.59 3.85 20.50
CA GLN B 443 -12.10 3.93 21.86
C GLN B 443 -11.79 5.32 22.37
N ARG B 444 -12.68 5.87 23.19
CA ARG B 444 -12.49 7.20 23.74
C ARG B 444 -11.82 7.08 25.10
N THR B 445 -10.68 7.75 25.27
CA THR B 445 -9.96 7.69 26.54
C THR B 445 -10.67 8.55 27.59
N PRO B 446 -10.34 8.31 28.86
CA PRO B 446 -10.96 9.11 29.95
C PRO B 446 -10.84 10.61 29.74
N ASP B 447 -9.73 11.09 29.16
CA ASP B 447 -9.47 12.51 28.98
C ASP B 447 -10.23 13.11 27.79
N GLY B 448 -11.04 12.34 27.07
CA GLY B 448 -11.79 12.84 25.93
C GLY B 448 -11.16 12.58 24.58
N ASN B 449 -9.92 12.11 24.54
CA ASN B 449 -9.24 11.88 23.28
C ASN B 449 -9.64 10.53 22.69
N LEU B 450 -9.20 10.30 21.46
CA LEU B 450 -9.52 9.08 20.73
C LEU B 450 -8.25 8.26 20.50
N ARG B 451 -8.41 6.95 20.50
CA ARG B 451 -7.32 6.02 20.19
C ARG B 451 -7.78 5.18 19.01
N VAL B 452 -7.13 5.35 17.86
CA VAL B 452 -7.42 4.49 16.71
C VAL B 452 -6.75 3.15 16.95
N VAL B 453 -7.52 2.08 16.81
CA VAL B 453 -7.13 0.80 17.34
C VAL B 453 -7.28 -0.32 16.30
N GLY B 454 -7.92 -0.02 15.18
CA GLY B 454 -8.10 -1.03 14.15
C GLY B 454 -9.00 -0.55 13.03
N ARG B 455 -9.28 -1.48 12.13
CA ARG B 455 -10.08 -1.25 10.95
C ARG B 455 -11.11 -2.37 10.86
N ILE B 456 -12.25 -2.08 10.26
CA ILE B 456 -13.32 -3.06 10.14
C ILE B 456 -13.99 -2.88 8.79
N LYS B 457 -14.26 -4.00 8.11
CA LYS B 457 -14.88 -3.97 6.79
C LYS B 457 -16.29 -3.38 6.86
N ASP B 458 -16.74 -2.79 5.74
CA ASP B 458 -18.09 -2.22 5.65
C ASP B 458 -19.18 -3.29 5.78
N GLN B 459 -20.30 -2.91 6.40
CA GLN B 459 -21.48 -3.78 6.54
C GLN B 459 -21.11 -5.25 6.73
#